data_7WKF
#
_entry.id   7WKF
#
_entity_poly.entity_id   1
_entity_poly.type   'polypeptide(L)'
_entity_poly.pdbx_seq_one_letter_code
;AKKPFVQRVKNAASKAYNKLKGLAMQSQYGCPIISNMCEDHCRRKKMEGQCDLLDCVCS
;
_entity_poly.pdbx_strand_id   A
#
# COMPACT_ATOMS: atom_id res chain seq x y z
N ALA A 1 37.04 27.75 38.45
CA ALA A 1 36.71 27.22 37.14
C ALA A 1 35.42 27.83 36.60
N LYS A 2 34.30 27.43 37.19
CA LYS A 2 32.99 27.94 36.77
C LYS A 2 32.73 27.61 35.30
N LYS A 3 32.88 26.34 34.94
CA LYS A 3 32.65 25.90 33.57
C LYS A 3 31.29 26.36 33.07
N PRO A 4 31.15 26.46 31.74
CA PRO A 4 29.90 26.87 31.11
C PRO A 4 28.79 25.84 31.25
N PHE A 5 27.68 26.07 30.57
CA PHE A 5 26.55 25.15 30.63
C PHE A 5 25.75 25.18 29.32
N VAL A 6 25.63 24.02 28.68
CA VAL A 6 24.90 23.90 27.43
C VAL A 6 24.76 22.45 27.00
N GLN A 7 23.56 22.09 26.52
CA GLN A 7 23.30 20.72 26.08
C GLN A 7 21.94 20.63 25.39
N ARG A 8 21.82 21.32 24.26
CA ARG A 8 20.58 21.32 23.49
C ARG A 8 20.83 20.92 22.04
N VAL A 9 20.89 19.62 21.79
CA VAL A 9 21.13 19.11 20.45
C VAL A 9 20.28 17.89 20.17
N LYS A 10 19.00 17.96 20.53
CA LYS A 10 18.08 16.86 20.32
C LYS A 10 17.08 17.19 19.21
N ASN A 11 16.50 16.16 18.62
CA ASN A 11 15.53 16.33 17.54
C ASN A 11 14.71 15.07 17.33
N ALA A 12 15.36 14.02 16.83
CA ALA A 12 14.68 12.75 16.58
C ALA A 12 13.55 12.92 15.57
N ALA A 13 13.81 12.53 14.34
CA ALA A 13 12.80 12.64 13.28
C ALA A 13 13.17 11.76 12.08
N SER A 14 12.38 10.72 11.85
CA SER A 14 12.62 9.80 10.75
C SER A 14 11.41 8.92 10.49
N LYS A 15 10.33 9.53 10.03
CA LYS A 15 9.09 8.81 9.75
C LYS A 15 8.08 9.70 9.04
N ALA A 16 7.75 9.36 7.81
CA ALA A 16 6.78 10.13 7.03
C ALA A 16 6.32 9.36 5.80
N TYR A 17 6.24 8.04 5.94
CA TYR A 17 5.82 7.18 4.85
C TYR A 17 5.07 5.95 5.36
N ASN A 18 3.82 5.81 4.95
CA ASN A 18 3.00 4.68 5.38
C ASN A 18 1.83 4.46 4.42
N LYS A 19 1.85 3.32 3.73
CA LYS A 19 0.80 2.99 2.78
C LYS A 19 0.71 1.48 2.57
N LEU A 20 1.73 0.92 1.94
CA LEU A 20 1.77 -0.52 1.67
C LEU A 20 0.56 -0.96 0.87
N LYS A 21 0.11 -0.08 -0.04
CA LYS A 21 -1.04 -0.39 -0.89
C LYS A 21 -0.77 0.01 -2.34
N GLY A 22 -1.21 -0.84 -3.26
CA GLY A 22 -1.00 -0.56 -4.67
C GLY A 22 -0.58 -1.79 -5.45
N LEU A 23 -1.23 -2.01 -6.60
CA LEU A 23 -0.91 -3.17 -7.43
C LEU A 23 0.39 -2.94 -8.19
N ALA A 24 0.67 -3.83 -9.14
CA ALA A 24 1.89 -3.74 -9.93
C ALA A 24 1.60 -3.97 -11.41
N MET A 25 0.42 -3.55 -11.85
CA MET A 25 0.01 -3.71 -13.24
C MET A 25 0.04 -5.18 -13.64
N GLN A 26 -1.11 -5.85 -13.51
CA GLN A 26 -1.23 -7.26 -13.86
C GLN A 26 -2.64 -7.76 -13.63
N SER A 27 -3.30 -7.24 -12.59
CA SER A 27 -4.65 -7.64 -12.26
C SER A 27 -5.66 -6.58 -12.70
N GLN A 28 -5.30 -5.84 -13.75
CA GLN A 28 -6.17 -4.78 -14.27
C GLN A 28 -6.53 -5.04 -15.73
N TYR A 29 -7.75 -5.52 -15.95
CA TYR A 29 -8.23 -5.81 -17.31
C TYR A 29 -7.28 -6.78 -18.01
N GLY A 30 -6.84 -7.80 -17.29
CA GLY A 30 -5.94 -8.79 -17.85
C GLY A 30 -6.44 -10.21 -17.68
N CYS A 31 -7.55 -10.36 -16.97
CA CYS A 31 -8.14 -11.67 -16.73
C CYS A 31 -8.88 -12.17 -17.97
N PRO A 32 -8.98 -13.51 -18.10
CA PRO A 32 -9.67 -14.13 -19.22
C PRO A 32 -11.18 -13.93 -19.18
N ILE A 33 -11.77 -14.18 -18.01
CA ILE A 33 -13.21 -14.01 -17.83
C ILE A 33 -13.53 -13.39 -16.48
N ILE A 34 -13.32 -12.08 -16.39
CA ILE A 34 -13.60 -11.36 -15.15
C ILE A 34 -14.83 -10.46 -15.29
N SER A 35 -15.68 -10.47 -14.27
CA SER A 35 -16.89 -9.66 -14.28
C SER A 35 -16.61 -8.26 -13.75
N ASN A 36 -17.29 -7.27 -14.31
CA ASN A 36 -17.12 -5.88 -13.88
C ASN A 36 -17.36 -5.74 -12.38
N MET A 37 -18.15 -6.63 -11.82
CA MET A 37 -18.46 -6.61 -10.39
C MET A 37 -17.23 -6.99 -9.58
N CYS A 38 -16.53 -8.04 -10.01
CA CYS A 38 -15.34 -8.49 -9.32
C CYS A 38 -14.17 -7.52 -9.52
N GLU A 39 -14.00 -7.08 -10.76
CA GLU A 39 -12.92 -6.15 -11.09
C GLU A 39 -13.10 -4.83 -10.35
N ASP A 40 -14.33 -4.32 -10.34
CA ASP A 40 -14.63 -3.07 -9.65
C ASP A 40 -14.50 -3.22 -8.14
N HIS A 41 -15.05 -4.32 -7.62
CA HIS A 41 -15.00 -4.58 -6.19
C HIS A 41 -13.55 -4.77 -5.72
N CYS A 42 -12.79 -5.55 -6.49
CA CYS A 42 -11.39 -5.81 -6.15
C CYS A 42 -10.55 -4.55 -6.32
N ARG A 43 -10.90 -3.73 -7.31
CA ARG A 43 -10.17 -2.50 -7.56
C ARG A 43 -10.42 -1.47 -6.46
N ARG A 44 -11.64 -1.46 -5.94
CA ARG A 44 -12.01 -0.54 -4.87
C ARG A 44 -11.16 -0.77 -3.63
N LYS A 45 -10.84 -2.03 -3.36
CA LYS A 45 -10.04 -2.40 -2.20
C LYS A 45 -8.55 -2.40 -2.55
N LYS A 46 -8.25 -2.08 -3.80
CA LYS A 46 -6.86 -2.05 -4.26
C LYS A 46 -6.13 -3.33 -3.90
N MET A 47 -6.85 -4.44 -3.91
CA MET A 47 -6.27 -5.74 -3.59
C MET A 47 -5.87 -6.49 -4.85
N GLU A 48 -4.61 -6.92 -4.91
CA GLU A 48 -4.10 -7.64 -6.06
C GLU A 48 -3.95 -9.13 -5.74
N GLY A 49 -4.20 -9.98 -6.73
CA GLY A 49 -4.09 -11.41 -6.53
C GLY A 49 -3.85 -12.16 -7.83
N GLN A 50 -4.81 -13.00 -8.21
CA GLN A 50 -4.70 -13.77 -9.44
C GLN A 50 -6.02 -13.77 -10.20
N CYS A 51 -5.94 -13.91 -11.52
CA CYS A 51 -7.11 -13.93 -12.37
C CYS A 51 -7.58 -15.36 -12.64
N ASP A 52 -8.78 -15.69 -12.19
CA ASP A 52 -9.33 -17.02 -12.38
C ASP A 52 -10.44 -17.01 -13.43
N LEU A 53 -10.47 -18.02 -14.29
CA LEU A 53 -11.48 -18.12 -15.32
C LEU A 53 -12.88 -18.00 -14.74
N LEU A 54 -13.04 -18.46 -13.51
CA LEU A 54 -14.33 -18.41 -12.83
C LEU A 54 -14.61 -17.00 -12.30
N ASP A 55 -13.54 -16.29 -11.96
CA ASP A 55 -13.66 -14.92 -11.44
C ASP A 55 -12.31 -14.39 -11.01
N CYS A 56 -12.30 -13.14 -10.54
CA CYS A 56 -11.06 -12.50 -10.09
C CYS A 56 -10.75 -12.89 -8.66
N VAL A 57 -9.46 -13.04 -8.35
CA VAL A 57 -9.02 -13.39 -7.01
C VAL A 57 -8.17 -12.29 -6.39
N CYS A 58 -8.63 -11.75 -5.28
CA CYS A 58 -7.92 -10.68 -4.59
C CYS A 58 -6.98 -11.26 -3.53
N SER A 59 -5.76 -10.72 -3.47
CA SER A 59 -4.77 -11.18 -2.51
C SER A 59 -4.02 -10.00 -1.90
N ALA A 1 30.18 35.56 35.76
CA ALA A 1 29.58 34.27 35.49
C ALA A 1 30.53 33.37 34.69
N LYS A 2 31.36 32.63 35.41
CA LYS A 2 32.32 31.73 34.77
C LYS A 2 32.03 30.28 35.14
N LYS A 3 30.77 29.89 35.04
CA LYS A 3 30.37 28.53 35.36
C LYS A 3 29.06 28.16 34.65
N PRO A 4 29.13 28.04 33.31
CA PRO A 4 27.96 27.70 32.50
C PRO A 4 27.52 26.26 32.71
N PHE A 5 26.51 25.83 31.94
CA PHE A 5 25.98 24.48 32.05
C PHE A 5 25.10 24.14 30.85
N VAL A 6 25.66 24.27 29.65
CA VAL A 6 24.94 23.98 28.43
C VAL A 6 25.46 22.72 27.76
N GLN A 7 24.54 21.86 27.32
CA GLN A 7 24.92 20.62 26.66
C GLN A 7 23.68 19.88 26.16
N ARG A 8 23.64 19.62 24.85
CA ARG A 8 22.52 18.92 24.24
C ARG A 8 22.82 18.59 22.77
N VAL A 9 23.03 17.32 22.48
CA VAL A 9 23.31 16.88 21.13
C VAL A 9 22.69 15.52 20.85
N LYS A 10 21.51 15.30 21.41
CA LYS A 10 20.80 14.03 21.21
C LYS A 10 19.45 14.27 20.54
N ASN A 11 19.42 14.15 19.21
CA ASN A 11 18.20 14.34 18.44
C ASN A 11 18.24 13.56 17.14
N ALA A 12 17.53 12.43 17.11
CA ALA A 12 17.49 11.59 15.92
C ALA A 12 16.40 10.52 16.05
N ALA A 13 15.29 10.72 15.35
CA ALA A 13 14.18 9.78 15.38
C ALA A 13 13.29 9.93 14.14
N SER A 14 13.45 9.01 13.20
CA SER A 14 12.67 9.05 11.98
C SER A 14 12.51 7.65 11.39
N LYS A 15 11.44 6.96 11.78
CA LYS A 15 11.17 5.61 11.29
C LYS A 15 9.69 5.26 11.47
N ALA A 16 8.99 5.15 10.34
CA ALA A 16 7.57 4.81 10.37
C ALA A 16 7.09 4.38 8.98
N TYR A 17 7.51 3.19 8.56
CA TYR A 17 7.12 2.66 7.27
C TYR A 17 6.13 1.51 7.42
N ASN A 18 5.11 1.50 6.57
CA ASN A 18 4.09 0.46 6.61
C ASN A 18 3.12 0.60 5.44
N LYS A 19 3.55 0.18 4.26
CA LYS A 19 2.73 0.26 3.06
C LYS A 19 3.44 -0.38 1.87
N LEU A 20 3.61 -1.70 1.92
CA LEU A 20 4.26 -2.43 0.84
C LEU A 20 3.37 -3.55 0.32
N LYS A 21 2.06 -3.37 0.46
CA LYS A 21 1.09 -4.36 0.00
C LYS A 21 -0.23 -3.70 -0.37
N GLY A 22 -0.86 -4.21 -1.43
CA GLY A 22 -2.14 -3.66 -1.86
C GLY A 22 -2.40 -3.91 -3.33
N LEU A 23 -1.42 -3.61 -4.17
CA LEU A 23 -1.56 -3.80 -5.62
C LEU A 23 -0.37 -4.57 -6.18
N ALA A 24 -0.64 -5.56 -7.00
CA ALA A 24 0.42 -6.36 -7.61
C ALA A 24 0.40 -6.23 -9.13
N MET A 25 -0.19 -5.14 -9.62
CA MET A 25 -0.26 -4.89 -11.06
C MET A 25 -0.84 -6.10 -11.79
N GLN A 26 -2.17 -6.15 -11.88
CA GLN A 26 -2.85 -7.24 -12.55
C GLN A 26 -4.33 -6.92 -12.78
N SER A 27 -5.01 -6.55 -11.69
CA SER A 27 -6.43 -6.22 -11.78
C SER A 27 -6.64 -4.81 -12.32
N GLN A 28 -6.14 -4.58 -13.54
CA GLN A 28 -6.27 -3.28 -14.17
C GLN A 28 -7.02 -3.39 -15.49
N TYR A 29 -8.21 -4.00 -15.44
CA TYR A 29 -9.03 -4.16 -16.63
C TYR A 29 -8.32 -5.02 -17.67
N GLY A 30 -7.68 -6.10 -17.21
CA GLY A 30 -6.97 -6.98 -18.12
C GLY A 30 -6.97 -8.42 -17.63
N CYS A 31 -8.15 -9.02 -17.54
CA CYS A 31 -8.28 -10.40 -17.10
C CYS A 31 -8.62 -11.32 -18.27
N PRO A 32 -8.27 -12.61 -18.12
CA PRO A 32 -8.51 -13.62 -19.15
C PRO A 32 -9.99 -13.95 -19.30
N ILE A 33 -10.65 -14.25 -18.18
CA ILE A 33 -12.07 -14.58 -18.19
C ILE A 33 -12.72 -14.21 -16.86
N ILE A 34 -13.18 -12.97 -16.77
CA ILE A 34 -13.84 -12.49 -15.55
C ILE A 34 -15.24 -11.98 -15.85
N SER A 35 -16.00 -11.70 -14.79
CA SER A 35 -17.36 -11.20 -14.94
C SER A 35 -17.42 -9.69 -14.68
N ASN A 36 -18.21 -9.00 -15.49
CA ASN A 36 -18.35 -7.55 -15.36
C ASN A 36 -18.75 -7.17 -13.94
N MET A 37 -19.44 -8.09 -13.26
CA MET A 37 -19.89 -7.85 -11.90
C MET A 37 -18.71 -7.82 -10.93
N CYS A 38 -17.78 -8.75 -11.11
CA CYS A 38 -16.60 -8.83 -10.25
C CYS A 38 -15.66 -7.66 -10.52
N GLU A 39 -15.43 -7.37 -11.81
CA GLU A 39 -14.55 -6.28 -12.20
C GLU A 39 -15.10 -4.93 -11.73
N ASP A 40 -16.41 -4.73 -11.93
CA ASP A 40 -17.05 -3.49 -11.51
C ASP A 40 -17.05 -3.35 -9.99
N HIS A 41 -17.37 -4.44 -9.30
CA HIS A 41 -17.41 -4.44 -7.85
C HIS A 41 -16.02 -4.17 -7.27
N CYS A 42 -15.01 -4.81 -7.84
CA CYS A 42 -13.64 -4.63 -7.38
C CYS A 42 -13.13 -3.23 -7.70
N ARG A 43 -13.57 -2.70 -8.84
CA ARG A 43 -13.16 -1.36 -9.26
C ARG A 43 -13.77 -0.29 -8.36
N ARG A 44 -15.01 -0.52 -7.93
CA ARG A 44 -15.71 0.43 -7.07
C ARG A 44 -14.98 0.58 -5.73
N LYS A 45 -14.39 -0.50 -5.25
CA LYS A 45 -13.66 -0.48 -3.99
C LYS A 45 -12.20 -0.10 -4.21
N LYS A 46 -11.85 0.18 -5.47
CA LYS A 46 -10.49 0.56 -5.82
C LYS A 46 -9.48 -0.44 -5.25
N MET A 47 -9.87 -1.71 -5.21
CA MET A 47 -9.00 -2.75 -4.69
C MET A 47 -8.31 -3.51 -5.82
N GLU A 48 -6.99 -3.58 -5.76
CA GLU A 48 -6.22 -4.28 -6.79
C GLU A 48 -5.71 -5.62 -6.28
N GLY A 49 -5.70 -6.62 -7.16
CA GLY A 49 -5.24 -7.94 -6.78
C GLY A 49 -4.71 -8.72 -7.96
N GLN A 50 -5.39 -9.81 -8.30
CA GLN A 50 -4.98 -10.66 -9.42
C GLN A 50 -6.19 -11.14 -10.20
N CYS A 51 -6.02 -11.27 -11.51
CA CYS A 51 -7.10 -11.72 -12.39
C CYS A 51 -7.06 -13.24 -12.56
N ASP A 52 -8.10 -13.90 -12.08
CA ASP A 52 -8.19 -15.36 -12.17
C ASP A 52 -9.20 -15.77 -13.24
N LEU A 53 -8.87 -16.82 -13.99
CA LEU A 53 -9.76 -17.31 -15.04
C LEU A 53 -11.15 -17.58 -14.49
N LEU A 54 -11.22 -17.98 -13.23
CA LEU A 54 -12.50 -18.27 -12.58
C LEU A 54 -13.21 -16.99 -12.19
N ASP A 55 -12.44 -15.95 -11.90
CA ASP A 55 -12.99 -14.66 -11.51
C ASP A 55 -11.89 -13.68 -11.12
N CYS A 56 -12.28 -12.45 -10.80
CA CYS A 56 -11.32 -11.42 -10.40
C CYS A 56 -11.02 -11.51 -8.91
N VAL A 57 -9.76 -11.23 -8.56
CA VAL A 57 -9.35 -11.27 -7.17
C VAL A 57 -8.89 -9.90 -6.69
N CYS A 58 -9.52 -9.42 -5.61
CA CYS A 58 -9.19 -8.11 -5.06
C CYS A 58 -8.18 -8.25 -3.91
N SER A 59 -7.18 -7.37 -3.90
CA SER A 59 -6.15 -7.40 -2.87
C SER A 59 -5.85 -5.99 -2.37
N ALA A 1 37.45 33.58 33.08
CA ALA A 1 37.27 32.35 32.30
C ALA A 1 36.06 32.45 31.38
N LYS A 2 36.31 32.41 30.08
CA LYS A 2 35.24 32.51 29.09
C LYS A 2 35.40 31.43 28.01
N LYS A 3 34.80 30.27 28.26
CA LYS A 3 34.87 29.17 27.31
C LYS A 3 33.48 28.71 26.91
N PRO A 4 33.40 27.99 25.77
CA PRO A 4 32.13 27.48 25.25
C PRO A 4 31.55 26.36 26.11
N PHE A 5 30.44 25.79 25.67
CA PHE A 5 29.80 24.70 26.39
C PHE A 5 28.96 23.83 25.46
N VAL A 6 29.09 22.52 25.61
CA VAL A 6 28.34 21.58 24.78
C VAL A 6 27.28 20.85 25.60
N GLN A 7 26.10 20.66 24.99
CA GLN A 7 25.01 19.97 25.65
C GLN A 7 23.86 19.71 24.68
N ARG A 8 23.84 18.52 24.11
CA ARG A 8 22.80 18.14 23.16
C ARG A 8 22.42 16.67 23.31
N VAL A 9 21.31 16.41 23.99
CA VAL A 9 20.85 15.05 24.20
C VAL A 9 19.32 14.98 24.20
N LYS A 10 18.72 15.18 23.03
CA LYS A 10 17.28 15.14 22.90
C LYS A 10 16.86 14.32 21.68
N ASN A 11 16.09 13.27 21.93
CA ASN A 11 15.63 12.40 20.85
C ASN A 11 14.60 11.39 21.36
N ALA A 12 13.35 11.58 20.94
CA ALA A 12 12.27 10.68 21.36
C ALA A 12 11.03 10.89 20.50
N ALA A 13 10.72 9.91 19.66
CA ALA A 13 9.55 9.99 18.80
C ALA A 13 9.36 8.70 18.01
N SER A 14 8.12 8.40 17.67
CA SER A 14 7.79 7.19 16.92
C SER A 14 6.35 7.22 16.43
N LYS A 15 6.13 6.65 15.24
CA LYS A 15 4.79 6.62 14.66
C LYS A 15 4.72 5.57 13.55
N ALA A 16 4.03 4.47 13.83
CA ALA A 16 3.89 3.40 12.85
C ALA A 16 2.71 2.49 13.20
N TYR A 17 1.50 2.92 12.84
CA TYR A 17 0.30 2.15 13.12
C TYR A 17 -0.59 2.05 11.88
N ASN A 18 0.03 2.15 10.71
CA ASN A 18 -0.71 2.07 9.46
C ASN A 18 0.10 1.35 8.39
N LYS A 19 -0.11 0.04 8.30
CA LYS A 19 0.61 -0.79 7.33
C LYS A 19 -0.21 -0.93 6.04
N LEU A 20 -1.27 -1.74 6.12
CA LEU A 20 -2.13 -1.98 4.97
C LEU A 20 -3.59 -1.67 5.31
N LYS A 21 -4.34 -1.19 4.32
CA LYS A 21 -5.74 -0.87 4.51
C LYS A 21 -6.53 -1.07 3.22
N GLY A 22 -7.20 -2.21 3.12
CA GLY A 22 -8.00 -2.50 1.93
C GLY A 22 -7.40 -3.63 1.11
N LEU A 23 -6.43 -3.30 0.28
CA LEU A 23 -5.79 -4.29 -0.58
C LEU A 23 -4.32 -4.50 -0.17
N ALA A 24 -3.59 -5.26 -0.97
CA ALA A 24 -2.18 -5.53 -0.69
C ALA A 24 -1.31 -5.11 -1.87
N MET A 25 -1.78 -4.12 -2.62
CA MET A 25 -1.03 -3.63 -3.78
C MET A 25 -0.67 -4.77 -4.72
N GLN A 26 -1.58 -5.10 -5.63
CA GLN A 26 -1.35 -6.18 -6.59
C GLN A 26 -2.51 -6.28 -7.58
N SER A 27 -3.73 -6.04 -7.09
CA SER A 27 -4.92 -6.12 -7.92
C SER A 27 -5.34 -4.73 -8.38
N GLN A 28 -4.37 -3.85 -8.57
CA GLN A 28 -4.63 -2.49 -9.02
C GLN A 28 -3.98 -2.21 -10.36
N TYR A 29 -4.67 -2.54 -11.44
CA TYR A 29 -4.14 -2.33 -12.78
C TYR A 29 -2.80 -3.05 -12.96
N GLY A 30 -2.72 -4.27 -12.45
CA GLY A 30 -1.49 -5.04 -12.56
C GLY A 30 -1.74 -6.45 -13.04
N CYS A 31 -2.63 -6.60 -14.02
CA CYS A 31 -2.96 -7.91 -14.56
C CYS A 31 -2.51 -8.03 -16.01
N PRO A 32 -2.27 -9.26 -16.47
CA PRO A 32 -1.84 -9.53 -17.84
C PRO A 32 -2.95 -9.26 -18.86
N ILE A 33 -4.12 -9.82 -18.62
CA ILE A 33 -5.25 -9.65 -19.51
C ILE A 33 -6.57 -9.73 -18.75
N ILE A 34 -7.06 -8.59 -18.28
CA ILE A 34 -8.30 -8.53 -17.54
C ILE A 34 -9.36 -7.73 -18.29
N SER A 35 -10.58 -8.24 -18.32
CA SER A 35 -11.68 -7.57 -19.01
C SER A 35 -12.23 -6.42 -18.17
N ASN A 36 -12.55 -5.32 -18.84
CA ASN A 36 -13.09 -4.15 -18.15
C ASN A 36 -14.27 -4.53 -17.28
N MET A 37 -15.00 -5.57 -17.68
CA MET A 37 -16.16 -6.03 -16.93
C MET A 37 -15.74 -6.65 -15.60
N CYS A 38 -14.67 -7.45 -15.64
CA CYS A 38 -14.17 -8.11 -14.45
C CYS A 38 -13.48 -7.11 -13.52
N GLU A 39 -12.70 -6.21 -14.11
CA GLU A 39 -11.98 -5.20 -13.34
C GLU A 39 -12.97 -4.24 -12.66
N ASP A 40 -13.98 -3.82 -13.40
CA ASP A 40 -14.99 -2.90 -12.87
C ASP A 40 -15.86 -3.61 -11.84
N HIS A 41 -16.30 -4.82 -12.16
CA HIS A 41 -17.14 -5.60 -11.26
C HIS A 41 -16.40 -5.95 -9.98
N CYS A 42 -15.15 -6.38 -10.13
CA CYS A 42 -14.32 -6.75 -8.98
C CYS A 42 -13.95 -5.52 -8.16
N ARG A 43 -13.72 -4.41 -8.84
CA ARG A 43 -13.36 -3.17 -8.17
C ARG A 43 -14.56 -2.58 -7.42
N ARG A 44 -15.75 -2.79 -7.97
CA ARG A 44 -16.97 -2.29 -7.35
C ARG A 44 -17.19 -2.91 -5.97
N LYS A 45 -16.59 -4.08 -5.76
CA LYS A 45 -16.71 -4.78 -4.49
C LYS A 45 -15.44 -4.64 -3.67
N LYS A 46 -14.47 -3.91 -4.21
CA LYS A 46 -13.21 -3.68 -3.52
C LYS A 46 -12.61 -5.02 -3.05
N MET A 47 -12.79 -6.05 -3.86
CA MET A 47 -12.26 -7.37 -3.53
C MET A 47 -10.92 -7.62 -4.23
N GLU A 48 -9.91 -7.97 -3.45
CA GLU A 48 -8.58 -8.23 -4.00
C GLU A 48 -8.29 -9.72 -4.02
N GLY A 49 -7.66 -10.17 -5.10
CA GLY A 49 -7.33 -11.58 -5.23
C GLY A 49 -6.09 -11.82 -6.08
N GLN A 50 -6.27 -12.43 -7.23
CA GLN A 50 -5.15 -12.72 -8.13
C GLN A 50 -5.53 -12.43 -9.58
N CYS A 51 -4.54 -12.03 -10.36
CA CYS A 51 -4.76 -11.72 -11.78
C CYS A 51 -4.49 -12.94 -12.65
N ASP A 52 -5.54 -13.42 -13.32
CA ASP A 52 -5.42 -14.58 -14.20
C ASP A 52 -5.47 -14.17 -15.67
N LEU A 53 -4.63 -14.79 -16.48
CA LEU A 53 -4.59 -14.49 -17.91
C LEU A 53 -5.97 -14.60 -18.53
N LEU A 54 -6.79 -15.48 -17.99
CA LEU A 54 -8.15 -15.69 -18.49
C LEU A 54 -9.08 -14.58 -17.99
N ASP A 55 -8.78 -14.05 -16.81
CA ASP A 55 -9.59 -12.99 -16.22
C ASP A 55 -9.09 -12.65 -14.82
N CYS A 56 -9.75 -11.66 -14.19
CA CYS A 56 -9.37 -11.25 -12.85
C CYS A 56 -10.04 -12.12 -11.80
N VAL A 57 -9.33 -12.37 -10.71
CA VAL A 57 -9.85 -13.19 -9.62
C VAL A 57 -9.97 -12.40 -8.33
N CYS A 58 -11.18 -12.32 -7.79
CA CYS A 58 -11.42 -11.59 -6.56
C CYS A 58 -11.30 -12.51 -5.35
N SER A 59 -10.64 -12.02 -4.30
CA SER A 59 -10.46 -12.80 -3.08
C SER A 59 -10.64 -11.93 -1.84
N ALA A 1 23.72 18.16 42.71
CA ALA A 1 24.15 17.84 41.36
C ALA A 1 24.73 19.06 40.65
N LYS A 2 26.04 19.08 40.47
CA LYS A 2 26.71 20.19 39.80
C LYS A 2 27.45 19.71 38.56
N LYS A 3 26.88 18.73 37.86
CA LYS A 3 27.49 18.19 36.65
C LYS A 3 26.58 18.39 35.44
N PRO A 4 26.48 19.64 34.97
CA PRO A 4 25.66 19.99 33.82
C PRO A 4 26.21 19.44 32.51
N PHE A 5 25.55 19.77 31.41
CA PHE A 5 25.98 19.29 30.09
C PHE A 5 25.18 19.97 28.98
N VAL A 6 25.82 20.17 27.83
CA VAL A 6 25.16 20.80 26.70
C VAL A 6 25.03 19.82 25.53
N GLN A 7 23.91 19.91 24.82
CA GLN A 7 23.67 19.04 23.67
C GLN A 7 22.35 19.39 22.99
N ARG A 8 22.43 19.68 21.69
CA ARG A 8 21.25 20.04 20.91
C ARG A 8 21.38 19.58 19.47
N VAL A 9 20.26 19.17 18.88
CA VAL A 9 20.26 18.71 17.49
C VAL A 9 19.34 19.57 16.63
N LYS A 10 19.27 19.24 15.34
CA LYS A 10 18.42 19.99 14.41
C LYS A 10 18.42 19.31 13.04
N ASN A 11 17.41 19.66 12.23
CA ASN A 11 17.30 19.09 10.89
C ASN A 11 17.18 17.56 10.95
N ALA A 12 15.95 17.07 10.98
CA ALA A 12 15.71 15.64 11.04
C ALA A 12 14.22 15.32 10.91
N ALA A 13 13.81 14.85 9.74
CA ALA A 13 12.41 14.52 9.50
C ALA A 13 12.25 13.81 8.15
N SER A 14 12.23 12.48 8.20
CA SER A 14 12.07 11.68 6.98
C SER A 14 11.54 10.30 7.31
N LYS A 15 10.60 10.24 8.25
CA LYS A 15 10.01 8.97 8.65
C LYS A 15 8.49 9.05 8.67
N ALA A 16 7.90 9.18 7.48
CA ALA A 16 6.45 9.27 7.35
C ALA A 16 6.02 9.20 5.89
N TYR A 17 5.90 7.99 5.37
CA TYR A 17 5.50 7.79 3.98
C TYR A 17 5.17 6.32 3.72
N ASN A 18 4.25 6.09 2.78
CA ASN A 18 3.84 4.74 2.43
C ASN A 18 3.12 4.06 3.59
N LYS A 19 2.13 3.24 3.27
CA LYS A 19 1.36 2.54 4.30
C LYS A 19 0.68 1.30 3.71
N LEU A 20 -0.27 1.54 2.80
CA LEU A 20 -0.99 0.45 2.16
C LEU A 20 -1.33 0.79 0.71
N LYS A 21 -0.42 0.44 -0.19
CA LYS A 21 -0.62 0.70 -1.62
C LYS A 21 -0.12 -0.46 -2.47
N GLY A 22 -0.16 -0.29 -3.78
CA GLY A 22 0.30 -1.34 -4.68
C GLY A 22 -0.71 -1.65 -5.77
N LEU A 23 -0.39 -1.26 -6.99
CA LEU A 23 -1.28 -1.51 -8.12
C LEU A 23 -0.51 -2.05 -9.32
N ALA A 24 -1.19 -2.82 -10.15
CA ALA A 24 -0.57 -3.40 -11.34
C ALA A 24 -0.77 -2.52 -12.57
N MET A 25 -1.10 -1.25 -12.32
CA MET A 25 -1.33 -0.30 -13.40
C MET A 25 -2.33 -0.86 -14.42
N GLN A 26 -3.25 -1.70 -13.94
CA GLN A 26 -4.25 -2.30 -14.80
C GLN A 26 -5.19 -3.20 -14.00
N SER A 27 -4.69 -4.37 -13.63
CA SER A 27 -5.49 -5.32 -12.85
C SER A 27 -6.81 -5.61 -13.55
N GLN A 28 -6.82 -5.50 -14.87
CA GLN A 28 -8.02 -5.74 -15.66
C GLN A 28 -7.80 -6.87 -16.66
N TYR A 29 -8.35 -8.04 -16.36
CA TYR A 29 -8.20 -9.20 -17.23
C TYR A 29 -6.74 -9.62 -17.35
N GLY A 30 -6.00 -9.48 -16.26
CA GLY A 30 -4.60 -9.85 -16.26
C GLY A 30 -4.25 -10.82 -15.14
N CYS A 31 -5.22 -11.12 -14.29
CA CYS A 31 -5.00 -12.02 -13.17
C CYS A 31 -5.15 -13.48 -13.62
N PRO A 32 -4.47 -14.38 -12.90
CA PRO A 32 -4.52 -15.82 -13.20
C PRO A 32 -5.87 -16.44 -12.89
N ILE A 33 -6.45 -16.05 -11.77
CA ILE A 33 -7.76 -16.57 -11.37
C ILE A 33 -8.65 -15.46 -10.83
N ILE A 34 -9.31 -14.75 -11.73
CA ILE A 34 -10.20 -13.66 -11.35
C ILE A 34 -11.66 -14.04 -11.56
N SER A 35 -12.45 -13.97 -10.48
CA SER A 35 -13.86 -14.31 -10.55
C SER A 35 -14.71 -13.08 -10.83
N ASN A 36 -15.77 -13.25 -11.61
CA ASN A 36 -16.66 -12.15 -11.94
C ASN A 36 -17.12 -11.41 -10.68
N MET A 37 -17.20 -12.14 -9.58
CA MET A 37 -17.61 -11.55 -8.31
C MET A 37 -16.56 -10.58 -7.78
N CYS A 38 -15.31 -11.01 -7.84
CA CYS A 38 -14.20 -10.18 -7.36
C CYS A 38 -13.93 -9.02 -8.32
N GLU A 39 -13.89 -9.34 -9.62
CA GLU A 39 -13.64 -8.33 -10.63
C GLU A 39 -14.72 -7.25 -10.61
N ASP A 40 -15.97 -7.68 -10.52
CA ASP A 40 -17.10 -6.76 -10.48
C ASP A 40 -17.13 -5.98 -9.18
N HIS A 41 -16.87 -6.66 -8.07
CA HIS A 41 -16.87 -6.02 -6.76
C HIS A 41 -15.77 -4.98 -6.67
N CYS A 42 -14.57 -5.33 -7.13
CA CYS A 42 -13.44 -4.42 -7.11
C CYS A 42 -13.62 -3.29 -8.12
N ARG A 43 -14.24 -3.62 -9.25
CA ARG A 43 -14.48 -2.63 -10.29
C ARG A 43 -15.51 -1.58 -9.85
N ARG A 44 -16.51 -2.04 -9.11
CA ARG A 44 -17.56 -1.15 -8.61
C ARG A 44 -16.97 -0.10 -7.67
N LYS A 45 -15.99 -0.52 -6.87
CA LYS A 45 -15.35 0.38 -5.92
C LYS A 45 -14.13 1.05 -6.54
N LYS A 46 -13.84 0.72 -7.80
CA LYS A 46 -12.70 1.27 -8.50
C LYS A 46 -11.44 1.19 -7.66
N MET A 47 -11.32 0.12 -6.89
CA MET A 47 -10.16 -0.09 -6.03
C MET A 47 -9.17 -1.03 -6.69
N GLU A 48 -7.92 -0.58 -6.81
CA GLU A 48 -6.87 -1.40 -7.42
C GLU A 48 -5.92 -1.94 -6.37
N GLY A 49 -5.40 -3.15 -6.60
CA GLY A 49 -4.49 -3.76 -5.66
C GLY A 49 -3.53 -4.73 -6.33
N GLN A 50 -3.71 -6.01 -6.05
CA GLN A 50 -2.86 -7.04 -6.64
C GLN A 50 -3.66 -8.28 -7.01
N CYS A 51 -3.19 -9.01 -8.00
CA CYS A 51 -3.88 -10.23 -8.46
C CYS A 51 -3.33 -11.46 -7.74
N ASP A 52 -4.19 -12.10 -6.97
CA ASP A 52 -3.80 -13.30 -6.23
C ASP A 52 -4.40 -14.56 -6.86
N LEU A 53 -3.60 -15.63 -6.92
CA LEU A 53 -4.05 -16.87 -7.50
C LEU A 53 -5.37 -17.34 -6.87
N LEU A 54 -5.54 -17.00 -5.60
CA LEU A 54 -6.76 -17.38 -4.87
C LEU A 54 -7.92 -16.46 -5.24
N ASP A 55 -7.59 -15.22 -5.59
CA ASP A 55 -8.62 -14.24 -5.96
C ASP A 55 -7.99 -12.86 -6.16
N CYS A 56 -8.83 -11.88 -6.48
CA CYS A 56 -8.36 -10.51 -6.70
C CYS A 56 -8.21 -9.77 -5.38
N VAL A 57 -7.20 -8.92 -5.30
CA VAL A 57 -6.94 -8.14 -4.09
C VAL A 57 -7.14 -6.65 -4.34
N CYS A 58 -8.07 -6.05 -3.61
CA CYS A 58 -8.35 -4.63 -3.76
C CYS A 58 -7.50 -3.80 -2.81
N SER A 59 -6.95 -2.70 -3.33
CA SER A 59 -6.11 -1.83 -2.53
C SER A 59 -6.40 -0.36 -2.84
N ALA A 1 35.98 32.18 23.85
CA ALA A 1 35.22 31.27 24.71
C ALA A 1 35.80 29.86 24.66
N LYS A 2 35.67 29.20 23.52
CA LYS A 2 36.18 27.84 23.34
C LYS A 2 35.58 26.90 24.39
N LYS A 3 34.34 27.16 24.76
CA LYS A 3 33.65 26.33 25.75
C LYS A 3 32.16 26.23 25.43
N PRO A 4 31.83 25.49 24.35
CA PRO A 4 30.45 25.30 23.92
C PRO A 4 29.65 24.42 24.89
N PHE A 5 28.45 24.05 24.48
CA PHE A 5 27.59 23.22 25.31
C PHE A 5 26.75 22.26 24.46
N VAL A 6 26.77 20.98 24.82
CA VAL A 6 26.02 19.97 24.08
C VAL A 6 25.23 19.08 25.02
N GLN A 7 23.91 19.21 25.00
CA GLN A 7 23.04 18.42 25.86
C GLN A 7 21.57 18.67 25.54
N ARG A 8 21.09 18.05 24.46
CA ARG A 8 19.71 18.20 24.04
C ARG A 8 19.30 17.08 23.08
N VAL A 9 18.01 16.75 23.09
CA VAL A 9 17.49 15.70 22.22
C VAL A 9 15.98 15.57 22.35
N LYS A 10 15.30 15.46 21.21
CA LYS A 10 13.85 15.34 21.19
C LYS A 10 13.39 14.48 20.01
N ASN A 11 12.87 13.30 20.32
CA ASN A 11 12.38 12.38 19.29
C ASN A 11 11.81 11.12 19.91
N ALA A 12 10.51 10.92 19.73
CA ALA A 12 9.83 9.74 20.27
C ALA A 12 8.50 9.51 19.56
N ALA A 13 8.19 8.24 19.31
CA ALA A 13 6.95 7.87 18.64
C ALA A 13 6.86 8.51 17.25
N SER A 14 7.29 7.78 16.24
CA SER A 14 7.25 8.28 14.87
C SER A 14 7.10 7.13 13.87
N LYS A 15 6.11 6.28 14.10
CA LYS A 15 5.86 5.14 13.23
C LYS A 15 4.50 4.50 13.55
N ALA A 16 3.48 4.87 12.77
CA ALA A 16 2.14 4.34 12.96
C ALA A 16 1.24 4.67 11.79
N TYR A 17 1.81 4.61 10.58
CA TYR A 17 1.06 4.91 9.37
C TYR A 17 0.56 3.63 8.71
N ASN A 18 0.24 2.64 9.52
CA ASN A 18 -0.25 1.35 9.01
C ASN A 18 -1.51 0.92 9.75
N LYS A 19 -2.64 1.52 9.38
CA LYS A 19 -3.92 1.18 10.01
C LYS A 19 -4.49 -0.10 9.42
N LEU A 20 -4.51 -0.19 8.10
CA LEU A 20 -5.04 -1.36 7.42
C LEU A 20 -4.57 -1.41 5.97
N LYS A 21 -3.98 -2.53 5.57
CA LYS A 21 -3.50 -2.70 4.20
C LYS A 21 -4.59 -3.28 3.31
N GLY A 22 -5.52 -4.00 3.92
CA GLY A 22 -6.60 -4.60 3.16
C GLY A 22 -6.18 -5.87 2.45
N LEU A 23 -5.42 -5.71 1.37
CA LEU A 23 -4.95 -6.85 0.59
C LEU A 23 -3.43 -6.93 0.60
N ALA A 24 -2.88 -7.80 -0.24
CA ALA A 24 -1.44 -7.97 -0.33
C ALA A 24 -0.86 -7.12 -1.45
N MET A 25 -1.59 -6.08 -1.84
CA MET A 25 -1.15 -5.19 -2.91
C MET A 25 -0.95 -5.95 -4.21
N GLN A 26 -1.59 -7.11 -4.31
CA GLN A 26 -1.49 -7.95 -5.51
C GLN A 26 -2.67 -7.73 -6.43
N SER A 27 -3.80 -7.30 -5.85
CA SER A 27 -5.01 -7.07 -6.62
C SER A 27 -5.16 -5.58 -6.94
N GLN A 28 -4.04 -4.88 -7.04
CA GLN A 28 -4.05 -3.45 -7.35
C GLN A 28 -3.28 -3.18 -8.63
N TYR A 29 -3.96 -3.31 -9.77
CA TYR A 29 -3.35 -3.06 -11.06
C TYR A 29 -2.07 -3.89 -11.22
N GLY A 30 -2.13 -5.15 -10.80
CA GLY A 30 -0.98 -6.03 -10.90
C GLY A 30 -1.21 -7.18 -11.85
N CYS A 31 -1.97 -6.93 -12.92
CA CYS A 31 -2.27 -7.95 -13.91
C CYS A 31 -1.63 -7.61 -15.25
N PRO A 32 -1.40 -8.64 -16.08
CA PRO A 32 -0.80 -8.48 -17.40
C PRO A 32 -1.74 -7.78 -18.38
N ILE A 33 -2.97 -8.28 -18.47
CA ILE A 33 -3.97 -7.72 -19.36
C ILE A 33 -5.38 -7.91 -18.81
N ILE A 34 -5.84 -6.93 -18.04
CA ILE A 34 -7.18 -6.99 -17.45
C ILE A 34 -8.06 -5.87 -17.98
N SER A 35 -9.32 -5.85 -17.53
CA SER A 35 -10.26 -4.83 -17.97
C SER A 35 -10.56 -3.85 -16.82
N ASN A 36 -10.59 -2.56 -17.15
CA ASN A 36 -10.86 -1.54 -16.16
C ASN A 36 -12.14 -1.85 -15.39
N MET A 37 -13.07 -2.53 -16.04
CA MET A 37 -14.33 -2.89 -15.41
C MET A 37 -14.12 -3.92 -14.30
N CYS A 38 -13.27 -4.90 -14.57
CA CYS A 38 -12.98 -5.94 -13.60
C CYS A 38 -12.14 -5.40 -12.45
N GLU A 39 -11.09 -4.66 -12.79
CA GLU A 39 -10.20 -4.07 -11.79
C GLU A 39 -10.97 -3.13 -10.87
N ASP A 40 -11.81 -2.29 -11.47
CA ASP A 40 -12.61 -1.33 -10.71
C ASP A 40 -13.66 -2.05 -9.87
N HIS A 41 -14.32 -3.04 -10.47
CA HIS A 41 -15.34 -3.80 -9.78
C HIS A 41 -14.76 -4.57 -8.61
N CYS A 42 -13.61 -5.20 -8.82
CA CYS A 42 -12.95 -5.97 -7.78
C CYS A 42 -12.38 -5.06 -6.70
N ARG A 43 -11.92 -3.88 -7.12
CA ARG A 43 -11.36 -2.91 -6.19
C ARG A 43 -12.44 -2.30 -5.31
N ARG A 44 -13.64 -2.13 -5.88
CA ARG A 44 -14.76 -1.55 -5.16
C ARG A 44 -15.16 -2.45 -3.98
N LYS A 45 -14.84 -3.74 -4.08
CA LYS A 45 -15.17 -4.69 -3.03
C LYS A 45 -13.93 -5.04 -2.21
N LYS A 46 -12.80 -4.42 -2.56
CA LYS A 46 -11.55 -4.67 -1.85
C LYS A 46 -11.26 -6.16 -1.75
N MET A 47 -11.64 -6.90 -2.79
CA MET A 47 -11.43 -8.34 -2.82
C MET A 47 -10.17 -8.68 -3.60
N GLU A 48 -9.27 -9.44 -2.98
CA GLU A 48 -8.03 -9.83 -3.63
C GLU A 48 -8.07 -11.30 -4.04
N GLY A 49 -7.47 -11.61 -5.19
CA GLY A 49 -7.45 -12.98 -5.67
C GLY A 49 -6.25 -13.27 -6.55
N GLN A 50 -6.51 -13.47 -7.84
CA GLN A 50 -5.44 -13.77 -8.80
C GLN A 50 -5.68 -13.06 -10.13
N CYS A 51 -4.62 -12.56 -10.73
CA CYS A 51 -4.72 -11.86 -12.01
C CYS A 51 -4.60 -12.84 -13.17
N ASP A 52 -5.69 -13.00 -13.92
CA ASP A 52 -5.72 -13.90 -15.06
C ASP A 52 -5.64 -13.12 -16.37
N LEU A 53 -4.89 -13.66 -17.33
CA LEU A 53 -4.73 -13.02 -18.62
C LEU A 53 -6.08 -12.70 -19.26
N LEU A 54 -7.07 -13.54 -18.96
CA LEU A 54 -8.42 -13.34 -19.49
C LEU A 54 -9.16 -12.27 -18.72
N ASP A 55 -8.82 -12.11 -17.45
CA ASP A 55 -9.44 -11.10 -16.59
C ASP A 55 -8.96 -11.24 -15.15
N CYS A 56 -9.41 -10.32 -14.30
CA CYS A 56 -9.02 -10.33 -12.89
C CYS A 56 -9.92 -11.27 -12.09
N VAL A 57 -9.32 -11.94 -11.10
CA VAL A 57 -10.06 -12.87 -10.25
C VAL A 57 -10.07 -12.40 -8.80
N CYS A 58 -11.26 -12.26 -8.23
CA CYS A 58 -11.41 -11.82 -6.85
C CYS A 58 -11.54 -13.02 -5.91
N SER A 59 -10.84 -12.96 -4.78
CA SER A 59 -10.87 -14.04 -3.80
C SER A 59 -10.91 -13.47 -2.38
N ALA A 1 42.89 26.41 30.39
CA ALA A 1 41.72 26.32 29.52
C ALA A 1 40.70 25.33 30.09
N LYS A 2 39.70 25.85 30.78
CA LYS A 2 38.66 25.02 31.37
C LYS A 2 37.29 25.65 31.20
N LYS A 3 36.98 26.06 29.98
CA LYS A 3 35.70 26.69 29.68
C LYS A 3 35.05 26.04 28.46
N PRO A 4 34.54 24.81 28.63
CA PRO A 4 33.88 24.06 27.56
C PRO A 4 32.54 24.66 27.17
N PHE A 5 31.79 23.95 26.34
CA PHE A 5 30.49 24.41 25.89
C PHE A 5 29.54 23.24 25.66
N VAL A 6 29.49 22.33 26.63
CA VAL A 6 28.63 21.16 26.53
C VAL A 6 27.16 21.57 26.37
N GLN A 7 26.47 20.94 25.42
CA GLN A 7 25.07 21.23 25.17
C GLN A 7 24.48 20.26 24.15
N ARG A 8 23.43 19.56 24.55
CA ARG A 8 22.78 18.60 23.66
C ARG A 8 21.27 18.60 23.88
N VAL A 9 20.52 18.70 22.79
CA VAL A 9 19.05 18.70 22.86
C VAL A 9 18.45 17.78 21.81
N LYS A 10 17.48 16.98 22.23
CA LYS A 10 16.81 16.04 21.32
C LYS A 10 15.43 15.67 21.85
N ASN A 11 14.50 15.41 20.93
CA ASN A 11 13.14 15.05 21.31
C ASN A 11 12.36 14.58 20.09
N ALA A 12 12.53 13.30 19.73
CA ALA A 12 11.84 12.73 18.58
C ALA A 12 11.23 11.38 18.93
N ALA A 13 9.91 11.35 19.11
CA ALA A 13 9.20 10.13 19.44
C ALA A 13 7.70 10.36 19.54
N SER A 14 6.97 9.33 19.97
CA SER A 14 5.52 9.43 20.09
C SER A 14 4.87 9.67 18.73
N LYS A 15 5.49 9.13 17.68
CA LYS A 15 4.98 9.28 16.33
C LYS A 15 5.75 8.38 15.36
N ALA A 16 5.15 7.25 15.01
CA ALA A 16 5.78 6.32 14.08
C ALA A 16 4.78 5.26 13.61
N TYR A 17 3.93 5.64 12.66
CA TYR A 17 2.93 4.74 12.12
C TYR A 17 2.39 5.25 10.80
N ASN A 18 2.05 4.32 9.89
CA ASN A 18 1.51 4.69 8.59
C ASN A 18 0.84 3.50 7.93
N LYS A 19 -0.47 3.59 7.76
CA LYS A 19 -1.25 2.52 7.13
C LYS A 19 -1.94 3.01 5.87
N LEU A 20 -2.98 3.82 6.05
CA LEU A 20 -3.73 4.35 4.91
C LEU A 20 -4.35 3.24 4.08
N LYS A 21 -5.14 3.62 3.09
CA LYS A 21 -5.79 2.64 2.22
C LYS A 21 -5.56 2.98 0.75
N GLY A 22 -5.54 1.94 -0.09
CA GLY A 22 -5.32 2.16 -1.51
C GLY A 22 -4.91 0.88 -2.23
N LEU A 23 -5.89 0.13 -2.69
CA LEU A 23 -5.63 -1.13 -3.41
C LEU A 23 -4.70 -2.03 -2.59
N ALA A 24 -4.22 -3.09 -3.21
CA ALA A 24 -3.33 -4.03 -2.55
C ALA A 24 -2.03 -4.20 -3.34
N MET A 25 -1.72 -3.22 -4.18
CA MET A 25 -0.50 -3.26 -4.98
C MET A 25 -0.41 -4.58 -5.75
N GLN A 26 -1.13 -4.68 -6.85
CA GLN A 26 -1.12 -5.89 -7.67
C GLN A 26 -2.02 -5.74 -8.89
N SER A 27 -3.31 -5.51 -8.64
CA SER A 27 -4.28 -5.34 -9.72
C SER A 27 -4.04 -4.03 -10.47
N GLN A 28 -3.14 -4.06 -11.44
CA GLN A 28 -2.82 -2.88 -12.23
C GLN A 28 -3.10 -3.12 -13.70
N TYR A 29 -4.23 -3.75 -13.99
CA TYR A 29 -4.62 -4.04 -15.37
C TYR A 29 -3.50 -4.77 -16.11
N GLY A 30 -2.87 -5.72 -15.42
CA GLY A 30 -1.79 -6.48 -16.03
C GLY A 30 -1.78 -7.92 -15.59
N CYS A 31 -2.85 -8.64 -15.87
CA CYS A 31 -2.97 -10.04 -15.48
C CYS A 31 -2.70 -10.95 -16.68
N PRO A 32 -2.24 -12.18 -16.39
CA PRO A 32 -1.93 -13.17 -17.43
C PRO A 32 -3.18 -13.69 -18.13
N ILE A 33 -4.22 -13.97 -17.35
CA ILE A 33 -5.47 -14.48 -17.89
C ILE A 33 -6.66 -13.95 -17.10
N ILE A 34 -7.16 -12.78 -17.49
CA ILE A 34 -8.30 -12.17 -16.82
C ILE A 34 -9.55 -12.24 -17.68
N SER A 35 -10.68 -12.58 -17.07
CA SER A 35 -11.94 -12.68 -17.78
C SER A 35 -12.71 -11.36 -17.73
N ASN A 36 -13.16 -10.88 -18.88
CA ASN A 36 -13.90 -9.63 -18.95
C ASN A 36 -15.09 -9.65 -17.98
N MET A 37 -15.61 -10.84 -17.73
CA MET A 37 -16.75 -11.00 -16.82
C MET A 37 -16.36 -10.62 -15.39
N CYS A 38 -15.22 -11.12 -14.94
CA CYS A 38 -14.73 -10.84 -13.60
C CYS A 38 -14.19 -9.42 -13.50
N GLU A 39 -13.70 -8.90 -14.63
CA GLU A 39 -13.15 -7.55 -14.67
C GLU A 39 -14.26 -6.51 -14.51
N ASP A 40 -15.36 -6.71 -15.23
CA ASP A 40 -16.49 -5.78 -15.16
C ASP A 40 -17.21 -5.91 -13.83
N HIS A 41 -17.45 -7.14 -13.40
CA HIS A 41 -18.14 -7.39 -12.14
C HIS A 41 -17.34 -6.85 -10.96
N CYS A 42 -16.03 -7.10 -10.97
CA CYS A 42 -15.15 -6.63 -9.90
C CYS A 42 -14.99 -5.11 -9.97
N ARG A 43 -14.95 -4.57 -11.17
CA ARG A 43 -14.79 -3.13 -11.37
C ARG A 43 -16.02 -2.38 -10.88
N ARG A 44 -17.19 -3.02 -11.00
CA ARG A 44 -18.44 -2.41 -10.56
C ARG A 44 -18.40 -2.11 -9.06
N LYS A 45 -17.77 -3.00 -8.30
CA LYS A 45 -17.65 -2.83 -6.86
C LYS A 45 -16.37 -2.11 -6.48
N LYS A 46 -15.59 -1.75 -7.49
CA LYS A 46 -14.32 -1.04 -7.27
C LYS A 46 -13.47 -1.77 -6.23
N MET A 47 -13.33 -3.08 -6.41
CA MET A 47 -12.53 -3.89 -5.48
C MET A 47 -11.19 -4.26 -6.10
N GLU A 48 -10.11 -3.93 -5.39
CA GLU A 48 -8.77 -4.23 -5.88
C GLU A 48 -8.16 -5.39 -5.10
N GLY A 49 -7.71 -6.41 -5.83
CA GLY A 49 -7.12 -7.58 -5.20
C GLY A 49 -5.81 -7.98 -5.85
N GLN A 50 -5.78 -9.18 -6.43
CA GLN A 50 -4.59 -9.67 -7.09
C GLN A 50 -4.94 -10.43 -8.37
N CYS A 51 -4.01 -10.45 -9.32
CA CYS A 51 -4.21 -11.13 -10.58
C CYS A 51 -3.85 -12.61 -10.47
N ASP A 52 -4.84 -13.48 -10.70
CA ASP A 52 -4.62 -14.92 -10.63
C ASP A 52 -4.68 -15.54 -12.02
N LEU A 53 -3.80 -16.51 -12.26
CA LEU A 53 -3.75 -17.19 -13.55
C LEU A 53 -5.12 -17.73 -13.92
N LEU A 54 -5.90 -18.12 -12.92
CA LEU A 54 -7.24 -18.66 -13.16
C LEU A 54 -8.23 -17.53 -13.44
N ASP A 55 -7.97 -16.36 -12.88
CA ASP A 55 -8.84 -15.20 -13.08
C ASP A 55 -8.41 -14.04 -12.18
N CYS A 56 -9.19 -12.97 -12.21
CA CYS A 56 -8.89 -11.79 -11.40
C CYS A 56 -9.45 -11.93 -9.99
N VAL A 57 -8.64 -11.59 -9.00
CA VAL A 57 -9.06 -11.68 -7.60
C VAL A 57 -9.32 -10.30 -7.01
N CYS A 58 -10.45 -10.15 -6.33
CA CYS A 58 -10.81 -8.88 -5.71
C CYS A 58 -10.53 -8.90 -4.21
N SER A 59 -9.96 -7.81 -3.71
CA SER A 59 -9.62 -7.70 -2.30
C SER A 59 -9.76 -6.26 -1.82
N ALA A 1 28.74 18.89 43.28
CA ALA A 1 29.30 19.20 41.97
C ALA A 1 28.21 19.51 40.96
N LYS A 2 28.01 20.79 40.67
CA LYS A 2 26.98 21.22 39.72
C LYS A 2 27.60 22.04 38.60
N LYS A 3 28.62 21.49 37.96
CA LYS A 3 29.31 22.16 36.86
C LYS A 3 29.18 21.36 35.57
N PRO A 4 27.97 21.34 34.99
CA PRO A 4 27.69 20.63 33.75
C PRO A 4 28.36 21.27 32.54
N PHE A 5 28.07 20.75 31.35
CA PHE A 5 28.63 21.28 30.12
C PHE A 5 27.57 21.38 29.03
N VAL A 6 27.82 22.25 28.06
CA VAL A 6 26.89 22.45 26.95
C VAL A 6 27.50 22.01 25.63
N GLN A 7 26.65 21.75 24.64
CA GLN A 7 27.11 21.32 23.34
C GLN A 7 25.98 21.39 22.30
N ARG A 8 26.28 21.97 21.14
CA ARG A 8 25.30 22.09 20.08
C ARG A 8 25.22 20.82 19.24
N VAL A 9 24.03 20.26 19.13
CA VAL A 9 23.83 19.04 18.35
C VAL A 9 22.60 19.16 17.45
N LYS A 10 22.45 18.19 16.55
CA LYS A 10 21.32 18.19 15.62
C LYS A 10 20.06 17.67 16.31
N ASN A 11 18.90 18.06 15.78
CA ASN A 11 17.63 17.64 16.34
C ASN A 11 16.66 17.21 15.24
N ALA A 12 16.66 15.93 14.92
CA ALA A 12 15.78 15.39 13.88
C ALA A 12 15.25 14.01 14.26
N ALA A 13 13.94 13.89 14.35
CA ALA A 13 13.31 12.63 14.70
C ALA A 13 11.81 12.66 14.38
N SER A 14 11.46 13.34 13.29
CA SER A 14 10.07 13.44 12.88
C SER A 14 9.79 12.54 11.68
N LYS A 15 8.61 11.92 11.67
CA LYS A 15 8.22 11.04 10.58
C LYS A 15 6.87 11.46 10.00
N ALA A 16 6.91 12.29 8.96
CA ALA A 16 5.70 12.77 8.31
C ALA A 16 5.76 12.54 6.80
N TYR A 17 6.27 11.38 6.40
CA TYR A 17 6.38 11.04 4.98
C TYR A 17 6.40 9.53 4.79
N ASN A 18 5.46 9.04 3.99
CA ASN A 18 5.36 7.61 3.71
C ASN A 18 4.33 7.33 2.63
N LYS A 19 4.75 6.65 1.57
CA LYS A 19 3.86 6.31 0.46
C LYS A 19 4.37 5.09 -0.29
N LEU A 20 4.11 3.91 0.27
CA LEU A 20 4.54 2.66 -0.35
C LEU A 20 3.58 1.53 -0.01
N LYS A 21 2.28 1.81 -0.10
CA LYS A 21 1.26 0.82 0.19
C LYS A 21 -0.09 1.24 -0.36
N GLY A 22 -1.02 0.30 -0.45
CA GLY A 22 -2.35 0.59 -0.96
C GLY A 22 -2.49 0.27 -2.43
N LEU A 23 -2.76 -1.01 -2.73
CA LEU A 23 -2.92 -1.45 -4.11
C LEU A 23 -1.62 -1.27 -4.89
N ALA A 24 -1.51 -1.95 -6.03
CA ALA A 24 -0.32 -1.87 -6.86
C ALA A 24 -0.70 -1.85 -8.35
N MET A 25 -1.95 -1.50 -8.63
CA MET A 25 -2.43 -1.45 -10.00
C MET A 25 -2.14 -2.75 -10.73
N GLN A 26 -2.12 -3.85 -9.99
CA GLN A 26 -1.84 -5.16 -10.57
C GLN A 26 -3.13 -5.82 -11.05
N SER A 27 -4.21 -5.60 -10.31
CA SER A 27 -5.51 -6.18 -10.65
C SER A 27 -6.40 -5.15 -11.35
N GLN A 28 -5.98 -4.73 -12.54
CA GLN A 28 -6.74 -3.74 -13.30
C GLN A 28 -7.16 -4.31 -14.64
N TYR A 29 -8.10 -5.24 -14.63
CA TYR A 29 -8.59 -5.86 -15.86
C TYR A 29 -7.45 -6.55 -16.61
N GLY A 30 -6.61 -7.26 -15.86
CA GLY A 30 -5.49 -7.97 -16.46
C GLY A 30 -5.35 -9.38 -15.94
N CYS A 31 -6.42 -10.16 -16.04
CA CYS A 31 -6.41 -11.54 -15.58
C CYS A 31 -6.43 -12.51 -16.76
N PRO A 32 -5.93 -13.73 -16.53
CA PRO A 32 -5.89 -14.77 -17.57
C PRO A 32 -7.28 -15.31 -17.90
N ILE A 33 -8.03 -15.68 -16.87
CA ILE A 33 -9.37 -16.21 -17.05
C ILE A 33 -10.26 -15.89 -15.85
N ILE A 34 -10.93 -14.74 -15.91
CA ILE A 34 -11.81 -14.33 -14.82
C ILE A 34 -13.26 -14.24 -15.30
N SER A 35 -14.18 -14.02 -14.36
CA SER A 35 -15.59 -13.93 -14.68
C SER A 35 -16.09 -12.48 -14.54
N ASN A 36 -16.90 -12.05 -15.50
CA ASN A 36 -17.44 -10.70 -15.48
C ASN A 36 -18.09 -10.38 -14.13
N MET A 37 -18.61 -11.41 -13.48
CA MET A 37 -19.26 -11.26 -12.18
C MET A 37 -18.24 -10.88 -11.11
N CYS A 38 -17.10 -11.57 -11.12
CA CYS A 38 -16.05 -11.32 -10.14
C CYS A 38 -15.36 -9.99 -10.43
N GLU A 39 -15.06 -9.74 -11.69
CA GLU A 39 -14.40 -8.51 -12.10
C GLU A 39 -15.26 -7.29 -11.75
N ASP A 40 -16.55 -7.38 -12.06
CA ASP A 40 -17.47 -6.29 -11.78
C ASP A 40 -17.67 -6.12 -10.27
N HIS A 41 -17.86 -7.23 -9.58
CA HIS A 41 -18.05 -7.20 -8.13
C HIS A 41 -16.83 -6.65 -7.42
N CYS A 42 -15.65 -7.10 -7.84
CA CYS A 42 -14.39 -6.66 -7.25
C CYS A 42 -14.11 -5.20 -7.60
N ARG A 43 -14.51 -4.80 -8.80
CA ARG A 43 -14.31 -3.43 -9.25
C ARG A 43 -15.21 -2.46 -8.50
N ARG A 44 -16.42 -2.92 -8.17
CA ARG A 44 -17.37 -2.09 -7.45
C ARG A 44 -16.84 -1.72 -6.07
N LYS A 45 -16.12 -2.65 -5.45
CA LYS A 45 -15.56 -2.42 -4.13
C LYS A 45 -14.17 -1.80 -4.24
N LYS A 46 -13.73 -1.56 -5.46
CA LYS A 46 -12.42 -0.96 -5.69
C LYS A 46 -11.34 -1.68 -4.91
N MET A 47 -11.49 -3.00 -4.77
CA MET A 47 -10.53 -3.81 -4.04
C MET A 47 -9.59 -4.53 -5.01
N GLU A 48 -8.29 -4.34 -4.81
CA GLU A 48 -7.29 -4.97 -5.66
C GLU A 48 -6.60 -6.12 -4.93
N GLY A 49 -6.67 -7.32 -5.51
CA GLY A 49 -6.04 -8.48 -4.90
C GLY A 49 -5.16 -9.24 -5.87
N GLN A 50 -5.64 -10.39 -6.33
CA GLN A 50 -4.88 -11.21 -7.27
C GLN A 50 -5.79 -11.82 -8.32
N CYS A 51 -5.24 -12.08 -9.50
CA CYS A 51 -6.00 -12.68 -10.59
C CYS A 51 -5.71 -14.16 -10.73
N ASP A 52 -6.69 -15.00 -10.41
CA ASP A 52 -6.54 -16.44 -10.50
C ASP A 52 -7.37 -17.01 -11.64
N LEU A 53 -6.78 -17.96 -12.37
CA LEU A 53 -7.47 -18.59 -13.50
C LEU A 53 -8.84 -19.12 -13.07
N LEU A 54 -8.94 -19.54 -11.81
CA LEU A 54 -10.18 -20.08 -11.28
C LEU A 54 -11.16 -18.95 -10.95
N ASP A 55 -10.62 -17.79 -10.60
CA ASP A 55 -11.45 -16.64 -10.25
C ASP A 55 -10.58 -15.47 -9.78
N CYS A 56 -11.22 -14.33 -9.53
CA CYS A 56 -10.50 -13.14 -9.08
C CYS A 56 -10.58 -13.01 -7.57
N VAL A 57 -9.51 -12.50 -6.97
CA VAL A 57 -9.45 -12.31 -5.53
C VAL A 57 -9.31 -10.84 -5.17
N CYS A 58 -10.11 -10.39 -4.21
CA CYS A 58 -10.08 -9.00 -3.76
C CYS A 58 -9.35 -8.87 -2.42
N SER A 59 -8.51 -7.86 -2.31
CA SER A 59 -7.76 -7.62 -1.08
C SER A 59 -8.68 -7.61 0.13
N ALA A 1 30.39 27.56 42.53
CA ALA A 1 30.21 27.10 41.16
C ALA A 1 30.25 28.27 40.18
N LYS A 2 31.45 28.63 39.74
CA LYS A 2 31.62 29.74 38.80
C LYS A 2 32.23 29.25 37.49
N LYS A 3 31.75 28.09 37.02
CA LYS A 3 32.24 27.52 35.77
C LYS A 3 31.17 27.59 34.70
N PRO A 4 31.60 27.47 33.42
CA PRO A 4 30.69 27.51 32.27
C PRO A 4 29.80 26.28 32.19
N PHE A 5 29.05 26.18 31.10
CA PHE A 5 28.15 25.04 30.90
C PHE A 5 28.20 24.56 29.46
N VAL A 6 27.92 23.28 29.25
CA VAL A 6 27.94 22.70 27.91
C VAL A 6 26.80 21.70 27.74
N GLN A 7 25.99 21.89 26.70
CA GLN A 7 24.87 21.01 26.42
C GLN A 7 24.29 21.28 25.04
N ARG A 8 24.10 20.22 24.26
CA ARG A 8 23.55 20.36 22.92
C ARG A 8 22.88 19.06 22.48
N VAL A 9 21.94 19.17 21.54
CA VAL A 9 21.22 18.00 21.03
C VAL A 9 20.99 18.12 19.53
N LYS A 10 21.10 17.00 18.84
CA LYS A 10 20.89 16.96 17.39
C LYS A 10 20.71 15.53 16.89
N ASN A 11 19.45 15.13 16.72
CA ASN A 11 19.14 13.78 16.26
C ASN A 11 17.63 13.61 16.06
N ALA A 12 17.18 13.76 14.82
CA ALA A 12 15.77 13.62 14.51
C ALA A 12 15.57 13.05 13.11
N ALA A 13 14.67 12.09 12.97
CA ALA A 13 14.39 11.47 11.69
C ALA A 13 13.16 10.57 11.77
N SER A 14 11.98 11.18 11.76
CA SER A 14 10.73 10.42 11.83
C SER A 14 10.18 10.14 10.44
N LYS A 15 9.73 8.91 10.22
CA LYS A 15 9.18 8.51 8.93
C LYS A 15 8.38 7.22 9.06
N ALA A 16 7.06 7.33 9.06
CA ALA A 16 6.18 6.18 9.18
C ALA A 16 4.74 6.55 8.92
N TYR A 17 4.43 6.89 7.67
CA TYR A 17 3.07 7.28 7.30
C TYR A 17 2.48 6.29 6.30
N ASN A 18 2.31 5.04 6.74
CA ASN A 18 1.76 4.00 5.88
C ASN A 18 0.94 3.01 6.71
N LYS A 19 -0.38 3.17 6.68
CA LYS A 19 -1.28 2.30 7.41
C LYS A 19 -1.59 1.03 6.61
N LEU A 20 -2.00 1.23 5.36
CA LEU A 20 -2.32 0.10 4.49
C LEU A 20 -1.86 0.37 3.06
N LYS A 21 -2.10 -0.60 2.17
CA LYS A 21 -1.70 -0.46 0.77
C LYS A 21 -2.84 -0.89 -0.15
N GLY A 22 -2.91 -0.29 -1.33
CA GLY A 22 -3.94 -0.62 -2.29
C GLY A 22 -3.71 -1.97 -2.94
N LEU A 23 -3.12 -1.96 -4.13
CA LEU A 23 -2.85 -3.20 -4.85
C LEU A 23 -1.34 -3.43 -4.98
N ALA A 24 -0.98 -4.44 -5.76
CA ALA A 24 0.43 -4.77 -5.96
C ALA A 24 0.74 -4.98 -7.44
N MET A 25 0.06 -4.22 -8.29
CA MET A 25 0.27 -4.32 -9.74
C MET A 25 -0.05 -5.73 -10.23
N GLN A 26 -0.90 -6.44 -9.49
CA GLN A 26 -1.28 -7.79 -9.86
C GLN A 26 -2.69 -7.84 -10.42
N SER A 27 -3.52 -6.88 -10.01
CA SER A 27 -4.91 -6.81 -10.47
C SER A 27 -5.20 -5.44 -11.07
N GLN A 28 -4.45 -5.06 -12.09
CA GLN A 28 -4.63 -3.78 -12.76
C GLN A 28 -4.94 -3.97 -14.24
N TYR A 29 -6.14 -4.47 -14.52
CA TYR A 29 -6.57 -4.70 -15.90
C TYR A 29 -5.55 -5.56 -16.64
N GLY A 30 -5.05 -6.60 -15.98
CA GLY A 30 -4.08 -7.48 -16.59
C GLY A 30 -4.49 -8.94 -16.51
N CYS A 31 -5.71 -9.24 -16.93
CA CYS A 31 -6.22 -10.60 -16.91
C CYS A 31 -6.54 -11.09 -18.31
N PRO A 32 -6.48 -12.41 -18.51
CA PRO A 32 -6.75 -13.04 -19.80
C PRO A 32 -8.22 -12.95 -20.19
N ILE A 33 -9.10 -13.33 -19.26
CA ILE A 33 -10.53 -13.28 -19.50
C ILE A 33 -11.29 -12.90 -18.24
N ILE A 34 -11.37 -11.59 -17.98
CA ILE A 34 -12.07 -11.09 -16.81
C ILE A 34 -13.37 -10.39 -17.20
N SER A 35 -14.43 -10.66 -16.46
CA SER A 35 -15.74 -10.07 -16.73
C SER A 35 -15.89 -8.75 -15.98
N ASN A 36 -16.55 -7.78 -16.61
CA ASN A 36 -16.77 -6.48 -16.00
C ASN A 36 -17.39 -6.62 -14.62
N MET A 37 -18.16 -7.68 -14.42
CA MET A 37 -18.81 -7.95 -13.14
C MET A 37 -17.78 -8.24 -12.06
N CYS A 38 -16.78 -9.06 -12.40
CA CYS A 38 -15.73 -9.41 -11.45
C CYS A 38 -14.82 -8.23 -11.18
N GLU A 39 -14.50 -7.48 -12.24
CA GLU A 39 -13.62 -6.32 -12.11
C GLU A 39 -14.31 -5.21 -11.34
N ASP A 40 -15.57 -4.95 -11.67
CA ASP A 40 -16.34 -3.90 -11.00
C ASP A 40 -16.58 -4.26 -9.53
N HIS A 41 -16.95 -5.50 -9.29
CA HIS A 41 -17.22 -5.97 -7.93
C HIS A 41 -15.95 -5.91 -7.09
N CYS A 42 -14.83 -6.35 -7.66
CA CYS A 42 -13.56 -6.35 -6.96
C CYS A 42 -13.05 -4.92 -6.75
N ARG A 43 -13.21 -4.09 -7.78
CA ARG A 43 -12.77 -2.70 -7.71
C ARG A 43 -13.52 -1.95 -6.62
N ARG A 44 -14.80 -2.27 -6.46
CA ARG A 44 -15.63 -1.63 -5.45
C ARG A 44 -15.10 -1.90 -4.05
N LYS A 45 -14.46 -3.05 -3.88
CA LYS A 45 -13.91 -3.43 -2.59
C LYS A 45 -12.39 -3.26 -2.58
N LYS A 46 -11.84 -2.81 -3.70
CA LYS A 46 -10.40 -2.61 -3.82
C LYS A 46 -9.63 -3.83 -3.35
N MET A 47 -10.00 -5.00 -3.89
CA MET A 47 -9.35 -6.26 -3.52
C MET A 47 -8.49 -6.77 -4.67
N GLU A 48 -7.22 -7.02 -4.38
CA GLU A 48 -6.29 -7.52 -5.40
C GLU A 48 -5.96 -9.00 -5.15
N GLY A 49 -5.53 -9.67 -6.22
CA GLY A 49 -5.20 -11.08 -6.10
C GLY A 49 -4.54 -11.63 -7.35
N GLN A 50 -5.18 -12.62 -7.96
CA GLN A 50 -4.65 -13.22 -9.18
C GLN A 50 -5.73 -13.30 -10.27
N CYS A 51 -5.30 -13.27 -11.52
CA CYS A 51 -6.22 -13.34 -12.65
C CYS A 51 -6.34 -14.76 -13.17
N ASP A 52 -7.57 -15.25 -13.28
CA ASP A 52 -7.82 -16.59 -13.77
C ASP A 52 -8.64 -16.57 -15.05
N LEU A 53 -8.31 -17.46 -15.99
CA LEU A 53 -9.01 -17.53 -17.27
C LEU A 53 -10.52 -17.65 -17.05
N LEU A 54 -10.90 -18.31 -15.97
CA LEU A 54 -12.31 -18.50 -15.66
C LEU A 54 -12.91 -17.23 -15.05
N ASP A 55 -12.07 -16.45 -14.38
CA ASP A 55 -12.51 -15.20 -13.76
C ASP A 55 -11.39 -14.59 -12.93
N CYS A 56 -11.66 -13.42 -12.35
CA CYS A 56 -10.67 -12.72 -11.54
C CYS A 56 -10.75 -13.16 -10.09
N VAL A 57 -9.61 -13.24 -9.43
CA VAL A 57 -9.55 -13.66 -8.04
C VAL A 57 -8.93 -12.56 -7.17
N CYS A 58 -9.72 -12.05 -6.23
CA CYS A 58 -9.26 -10.99 -5.33
C CYS A 58 -9.20 -11.49 -3.89
N SER A 59 -8.14 -11.11 -3.19
CA SER A 59 -7.97 -11.53 -1.80
C SER A 59 -6.76 -10.83 -1.17
N ALA A 1 32.98 31.60 44.10
CA ALA A 1 32.83 31.75 42.65
C ALA A 1 31.81 30.77 42.10
N LYS A 2 30.78 31.31 41.46
CA LYS A 2 29.71 30.48 40.88
C LYS A 2 29.39 30.95 39.46
N LYS A 3 30.21 30.53 38.50
CA LYS A 3 30.00 30.89 37.11
C LYS A 3 30.09 29.66 36.21
N PRO A 4 29.11 28.76 36.33
CA PRO A 4 29.05 27.53 35.54
C PRO A 4 28.75 27.80 34.07
N PHE A 5 28.67 26.74 33.28
CA PHE A 5 28.38 26.86 31.85
C PHE A 5 28.06 25.49 31.24
N VAL A 6 26.92 25.41 30.56
CA VAL A 6 26.49 24.17 29.94
C VAL A 6 26.57 24.27 28.41
N GLN A 7 26.50 23.12 27.74
CA GLN A 7 26.55 23.09 26.29
C GLN A 7 26.31 21.68 25.77
N ARG A 8 25.04 21.30 25.69
CA ARG A 8 24.66 19.97 25.22
C ARG A 8 23.61 20.07 24.12
N VAL A 9 23.56 19.04 23.26
CA VAL A 9 22.60 19.01 22.17
C VAL A 9 21.95 17.64 22.05
N LYS A 10 20.74 17.61 21.50
CA LYS A 10 20.01 16.36 21.32
C LYS A 10 19.94 15.97 19.86
N ASN A 11 19.77 14.67 19.60
CA ASN A 11 19.70 14.16 18.23
C ASN A 11 19.19 12.73 18.22
N ALA A 12 17.99 12.53 17.69
CA ALA A 12 17.39 11.20 17.62
C ALA A 12 16.12 11.22 16.77
N ALA A 13 16.07 10.36 15.77
CA ALA A 13 14.90 10.28 14.90
C ALA A 13 15.02 9.10 13.93
N SER A 14 13.96 8.31 13.82
CA SER A 14 13.95 7.16 12.93
C SER A 14 12.52 6.76 12.56
N LYS A 15 12.17 6.98 11.29
CA LYS A 15 10.83 6.65 10.81
C LYS A 15 10.82 6.56 9.29
N ALA A 16 10.59 5.36 8.77
CA ALA A 16 10.55 5.14 7.33
C ALA A 16 10.10 3.72 7.00
N TYR A 17 8.79 3.50 7.05
CA TYR A 17 8.23 2.19 6.76
C TYR A 17 7.05 2.30 5.80
N ASN A 18 6.78 1.21 5.07
CA ASN A 18 5.68 1.19 4.11
C ASN A 18 5.49 -0.21 3.54
N LYS A 19 4.24 -0.66 3.48
CA LYS A 19 3.92 -1.98 2.96
C LYS A 19 4.19 -2.04 1.46
N LEU A 20 3.67 -1.07 0.73
CA LEU A 20 3.85 -1.01 -0.72
C LEU A 20 3.24 -2.23 -1.39
N LYS A 21 2.03 -2.08 -1.92
CA LYS A 21 1.33 -3.16 -2.60
C LYS A 21 0.56 -2.65 -3.80
N GLY A 22 0.25 -3.56 -4.72
CA GLY A 22 -0.49 -3.17 -5.92
C GLY A 22 0.16 -3.67 -7.19
N LEU A 23 -0.64 -4.25 -8.07
CA LEU A 23 -0.13 -4.77 -9.33
C LEU A 23 0.42 -3.65 -10.20
N ALA A 24 0.85 -4.00 -11.42
CA ALA A 24 1.40 -3.02 -12.34
C ALA A 24 0.47 -2.79 -13.53
N MET A 25 -0.82 -2.66 -13.23
CA MET A 25 -1.82 -2.44 -14.27
C MET A 25 -1.89 -3.63 -15.22
N GLN A 26 -1.62 -4.82 -14.69
CA GLN A 26 -1.65 -6.04 -15.49
C GLN A 26 -3.06 -6.63 -15.52
N SER A 27 -3.77 -6.51 -14.40
CA SER A 27 -5.13 -7.03 -14.31
C SER A 27 -6.13 -6.06 -14.93
N GLN A 28 -5.94 -5.75 -16.20
CA GLN A 28 -6.82 -4.83 -16.91
C GLN A 28 -7.46 -5.51 -18.11
N TYR A 29 -8.69 -5.97 -17.95
CA TYR A 29 -9.42 -6.64 -19.02
C TYR A 29 -8.61 -7.80 -19.57
N GLY A 30 -8.00 -8.57 -18.68
CA GLY A 30 -7.19 -9.71 -19.10
C GLY A 30 -7.46 -10.94 -18.25
N CYS A 31 -8.73 -11.24 -18.02
CA CYS A 31 -9.11 -12.40 -17.22
C CYS A 31 -9.84 -13.43 -18.08
N PRO A 32 -9.79 -14.71 -17.65
CA PRO A 32 -10.45 -15.81 -18.35
C PRO A 32 -11.96 -15.73 -18.25
N ILE A 33 -12.47 -15.59 -17.03
CA ILE A 33 -13.91 -15.51 -16.80
C ILE A 33 -14.22 -14.69 -15.56
N ILE A 34 -14.39 -13.38 -15.75
CA ILE A 34 -14.69 -12.48 -14.63
C ILE A 34 -16.09 -11.88 -14.79
N SER A 35 -16.82 -11.83 -13.68
CA SER A 35 -18.17 -11.28 -13.69
C SER A 35 -18.15 -9.76 -13.58
N ASN A 36 -18.92 -9.10 -14.44
CA ASN A 36 -18.97 -7.64 -14.44
C ASN A 36 -19.25 -7.11 -13.04
N MET A 37 -19.99 -7.88 -12.25
CA MET A 37 -20.32 -7.48 -10.89
C MET A 37 -19.07 -7.38 -10.03
N CYS A 38 -18.20 -8.38 -10.13
CA CYS A 38 -16.96 -8.41 -9.37
C CYS A 38 -15.96 -7.40 -9.92
N GLU A 39 -16.06 -7.10 -11.22
CA GLU A 39 -15.17 -6.16 -11.87
C GLU A 39 -15.45 -4.74 -11.39
N ASP A 40 -16.72 -4.38 -11.33
CA ASP A 40 -17.12 -3.05 -10.89
C ASP A 40 -16.92 -2.88 -9.38
N HIS A 41 -17.31 -3.92 -8.63
CA HIS A 41 -17.17 -3.89 -7.18
C HIS A 41 -15.71 -3.81 -6.77
N CYS A 42 -14.87 -4.62 -7.43
CA CYS A 42 -13.45 -4.65 -7.13
C CYS A 42 -12.76 -3.38 -7.61
N ARG A 43 -13.22 -2.87 -8.75
CA ARG A 43 -12.65 -1.65 -9.33
C ARG A 43 -13.02 -0.43 -8.49
N ARG A 44 -14.19 -0.48 -7.87
CA ARG A 44 -14.66 0.63 -7.03
C ARG A 44 -13.71 0.84 -5.85
N LYS A 45 -12.96 -0.18 -5.50
CA LYS A 45 -12.02 -0.10 -4.40
C LYS A 45 -10.58 0.04 -4.91
N LYS A 46 -10.43 0.06 -6.23
CA LYS A 46 -9.12 0.20 -6.84
C LYS A 46 -8.15 -0.83 -6.27
N MET A 47 -8.61 -2.06 -6.14
CA MET A 47 -7.78 -3.14 -5.60
C MET A 47 -7.39 -4.12 -6.70
N GLU A 48 -6.09 -4.35 -6.86
CA GLU A 48 -5.59 -5.28 -7.88
C GLU A 48 -5.11 -6.58 -7.24
N GLY A 49 -5.60 -7.69 -7.78
CA GLY A 49 -5.22 -8.99 -7.27
C GLY A 49 -4.86 -9.98 -8.35
N GLN A 50 -5.72 -10.99 -8.55
CA GLN A 50 -5.48 -12.00 -9.57
C GLN A 50 -6.79 -12.39 -10.25
N CYS A 51 -6.68 -12.82 -11.50
CA CYS A 51 -7.86 -13.22 -12.28
C CYS A 51 -8.11 -14.72 -12.15
N ASP A 52 -9.29 -15.09 -11.66
CA ASP A 52 -9.65 -16.50 -11.49
C ASP A 52 -10.84 -16.86 -12.37
N LEU A 53 -10.79 -18.05 -12.96
CA LEU A 53 -11.87 -18.52 -13.84
C LEU A 53 -13.22 -18.44 -13.11
N LEU A 54 -13.18 -18.62 -11.80
CA LEU A 54 -14.40 -18.58 -10.99
C LEU A 54 -14.83 -17.13 -10.75
N ASP A 55 -13.86 -16.23 -10.71
CA ASP A 55 -14.13 -14.81 -10.48
C ASP A 55 -12.83 -14.01 -10.35
N CYS A 56 -12.97 -12.72 -10.12
CA CYS A 56 -11.81 -11.84 -9.98
C CYS A 56 -11.43 -11.68 -8.50
N VAL A 57 -10.14 -11.77 -8.22
CA VAL A 57 -9.65 -11.63 -6.85
C VAL A 57 -8.95 -10.28 -6.65
N CYS A 58 -9.29 -9.60 -5.57
CA CYS A 58 -8.70 -8.31 -5.26
C CYS A 58 -7.59 -8.45 -4.23
N SER A 59 -6.47 -7.76 -4.47
CA SER A 59 -5.33 -7.81 -3.57
C SER A 59 -4.63 -6.46 -3.50
N ALA A 1 37.59 27.61 38.86
CA ALA A 1 37.26 26.80 37.69
C ALA A 1 35.76 26.80 37.44
N LYS A 2 35.16 27.99 37.44
CA LYS A 2 33.73 28.12 37.21
C LYS A 2 33.44 28.41 35.74
N LYS A 3 33.52 27.38 34.91
CA LYS A 3 33.27 27.51 33.48
C LYS A 3 32.46 26.34 32.96
N PRO A 4 31.19 26.26 33.36
CA PRO A 4 30.29 25.19 32.95
C PRO A 4 29.90 25.29 31.47
N PHE A 5 28.97 24.45 31.05
CA PHE A 5 28.52 24.44 29.66
C PHE A 5 27.37 23.46 29.47
N VAL A 6 26.19 23.98 29.16
CA VAL A 6 25.02 23.15 28.94
C VAL A 6 24.95 22.64 27.51
N GLN A 7 24.06 21.69 27.26
CA GLN A 7 23.90 21.13 25.92
C GLN A 7 22.76 20.11 25.89
N ARG A 8 21.65 20.49 25.28
CA ARG A 8 20.49 19.62 25.17
C ARG A 8 19.60 20.03 24.02
N VAL A 9 19.44 19.14 23.04
CA VAL A 9 18.61 19.42 21.88
C VAL A 9 18.01 18.13 21.32
N LYS A 10 16.76 18.21 20.85
CA LYS A 10 16.08 17.06 20.28
C LYS A 10 14.90 17.51 19.42
N ASN A 11 14.32 16.56 18.69
CA ASN A 11 13.18 16.84 17.83
C ASN A 11 12.36 15.58 17.56
N ALA A 12 13.00 14.59 16.94
CA ALA A 12 12.33 13.33 16.63
C ALA A 12 11.19 13.55 15.65
N ALA A 13 11.39 13.14 14.40
CA ALA A 13 10.38 13.28 13.37
C ALA A 13 10.79 12.57 12.09
N SER A 14 10.35 11.32 11.95
CA SER A 14 10.68 10.52 10.77
C SER A 14 9.75 9.32 10.65
N LYS A 15 8.49 9.57 10.33
CA LYS A 15 7.51 8.51 10.19
C LYS A 15 6.27 9.00 9.44
N ALA A 16 6.12 8.55 8.21
CA ALA A 16 4.97 8.94 7.39
C ALA A 16 4.89 8.09 6.11
N TYR A 17 5.28 6.83 6.22
CA TYR A 17 5.26 5.92 5.08
C TYR A 17 4.70 4.56 5.48
N ASN A 18 3.38 4.43 5.43
CA ASN A 18 2.72 3.18 5.79
C ASN A 18 1.27 3.18 5.33
N LYS A 19 1.06 2.90 4.05
CA LYS A 19 -0.28 2.87 3.48
C LYS A 19 -0.70 1.44 3.14
N LEU A 20 0.28 0.61 2.78
CA LEU A 20 0.01 -0.78 2.44
C LEU A 20 -1.00 -0.88 1.30
N LYS A 21 -0.67 -0.29 0.17
CA LYS A 21 -1.54 -0.31 -0.99
C LYS A 21 -0.74 -0.46 -2.28
N GLY A 22 -1.42 -0.85 -3.36
CA GLY A 22 -0.75 -1.03 -4.63
C GLY A 22 -0.57 -2.50 -4.99
N LEU A 23 -0.94 -2.86 -6.22
CA LEU A 23 -0.82 -4.23 -6.67
C LEU A 23 0.62 -4.53 -7.10
N ALA A 24 0.85 -5.75 -7.58
CA ALA A 24 2.17 -6.16 -8.02
C ALA A 24 2.22 -6.31 -9.54
N MET A 25 1.35 -5.57 -10.23
CA MET A 25 1.30 -5.63 -11.69
C MET A 25 1.13 -7.06 -12.17
N GLN A 26 -0.12 -7.48 -12.33
CA GLN A 26 -0.42 -8.84 -12.79
C GLN A 26 -1.93 -9.03 -12.95
N SER A 27 -2.69 -8.49 -12.01
CA SER A 27 -4.15 -8.61 -12.04
C SER A 27 -4.79 -7.31 -12.52
N GLN A 28 -4.14 -6.64 -13.46
CA GLN A 28 -4.64 -5.38 -14.01
C GLN A 28 -4.87 -5.49 -15.52
N TYR A 29 -6.12 -5.64 -15.91
CA TYR A 29 -6.48 -5.77 -17.32
C TYR A 29 -5.66 -6.86 -17.99
N GLY A 30 -5.52 -7.99 -17.30
CA GLY A 30 -4.76 -9.11 -17.84
C GLY A 30 -5.42 -10.44 -17.57
N CYS A 31 -6.74 -10.50 -17.71
CA CYS A 31 -7.49 -11.72 -17.47
C CYS A 31 -8.31 -12.11 -18.71
N PRO A 32 -8.59 -13.42 -18.84
CA PRO A 32 -9.36 -13.95 -19.97
C PRO A 32 -10.83 -13.53 -19.91
N ILE A 33 -11.41 -13.61 -18.72
CA ILE A 33 -12.81 -13.24 -18.53
C ILE A 33 -13.03 -12.58 -17.18
N ILE A 34 -12.88 -11.25 -17.15
CA ILE A 34 -13.05 -10.50 -15.91
C ILE A 34 -14.35 -9.68 -15.95
N SER A 35 -15.11 -9.76 -14.87
CA SER A 35 -16.38 -9.03 -14.77
C SER A 35 -16.18 -7.67 -14.11
N ASN A 36 -16.69 -6.63 -14.76
CA ASN A 36 -16.57 -5.27 -14.23
C ASN A 36 -17.03 -5.20 -12.78
N MET A 37 -17.99 -6.07 -12.43
CA MET A 37 -18.51 -6.10 -11.07
C MET A 37 -17.45 -6.56 -10.09
N CYS A 38 -16.75 -7.63 -10.43
CA CYS A 38 -15.70 -8.17 -9.58
C CYS A 38 -14.47 -7.27 -9.58
N GLU A 39 -14.26 -6.57 -10.70
CA GLU A 39 -13.12 -5.67 -10.83
C GLU A 39 -13.29 -4.44 -9.93
N ASP A 40 -14.49 -3.87 -9.94
CA ASP A 40 -14.78 -2.69 -9.12
C ASP A 40 -14.80 -3.06 -7.64
N HIS A 41 -15.42 -4.19 -7.32
CA HIS A 41 -15.51 -4.65 -5.94
C HIS A 41 -14.12 -4.91 -5.36
N CYS A 42 -13.28 -5.58 -6.13
CA CYS A 42 -11.93 -5.90 -5.70
C CYS A 42 -11.07 -4.64 -5.63
N ARG A 43 -11.30 -3.71 -6.56
CA ARG A 43 -10.55 -2.46 -6.61
C ARG A 43 -10.89 -1.58 -5.41
N ARG A 44 -12.13 -1.67 -4.94
CA ARG A 44 -12.57 -0.87 -3.81
C ARG A 44 -11.75 -1.21 -2.56
N LYS A 45 -11.40 -2.48 -2.42
CA LYS A 45 -10.61 -2.94 -1.27
C LYS A 45 -9.13 -3.04 -1.63
N LYS A 46 -8.81 -2.71 -2.88
CA LYS A 46 -7.43 -2.76 -3.35
C LYS A 46 -6.80 -4.11 -3.03
N MET A 47 -7.48 -5.18 -3.40
CA MET A 47 -7.00 -6.53 -3.15
C MET A 47 -6.57 -7.20 -4.46
N GLU A 48 -5.33 -7.68 -4.49
CA GLU A 48 -4.80 -8.35 -5.68
C GLU A 48 -4.72 -9.85 -5.46
N GLY A 49 -4.94 -10.61 -6.54
CA GLY A 49 -4.88 -12.06 -6.45
C GLY A 49 -4.46 -12.70 -7.75
N GLN A 50 -5.37 -13.45 -8.38
CA GLN A 50 -5.09 -14.11 -9.64
C GLN A 50 -6.29 -14.06 -10.56
N CYS A 51 -6.03 -14.10 -11.87
CA CYS A 51 -7.09 -14.05 -12.87
C CYS A 51 -7.65 -15.44 -13.14
N ASP A 52 -8.94 -15.61 -12.91
CA ASP A 52 -9.60 -16.90 -13.14
C ASP A 52 -10.59 -16.80 -14.30
N LEU A 53 -10.64 -17.86 -15.11
CA LEU A 53 -11.54 -17.90 -16.26
C LEU A 53 -12.98 -17.60 -15.83
N LEU A 54 -13.32 -18.00 -14.61
CA LEU A 54 -14.66 -17.77 -14.08
C LEU A 54 -14.82 -16.33 -13.61
N ASP A 55 -13.72 -15.72 -13.18
CA ASP A 55 -13.75 -14.34 -12.71
C ASP A 55 -12.40 -13.96 -12.10
N CYS A 56 -12.33 -12.75 -11.53
CA CYS A 56 -11.11 -12.26 -10.92
C CYS A 56 -11.01 -12.72 -9.47
N VAL A 57 -9.86 -13.29 -9.10
CA VAL A 57 -9.64 -13.76 -7.75
C VAL A 57 -8.88 -12.73 -6.92
N CYS A 58 -9.46 -12.36 -5.77
CA CYS A 58 -8.83 -11.38 -4.89
C CYS A 58 -7.99 -12.08 -3.82
N SER A 59 -6.81 -11.53 -3.57
CA SER A 59 -5.90 -12.10 -2.58
C SER A 59 -5.22 -10.99 -1.77
N ALA A 1 29.44 29.42 13.12
CA ALA A 1 28.03 29.05 13.13
C ALA A 1 27.78 27.87 14.08
N LYS A 2 26.55 27.76 14.55
CA LYS A 2 26.18 26.68 15.46
C LYS A 2 27.01 26.75 16.74
N LYS A 3 26.54 27.54 17.71
CA LYS A 3 27.24 27.69 18.98
C LYS A 3 26.26 27.61 20.15
N PRO A 4 25.72 26.41 20.39
CA PRO A 4 24.77 26.17 21.48
C PRO A 4 25.42 26.27 22.85
N PHE A 5 24.64 26.00 23.89
CA PHE A 5 25.14 26.05 25.26
C PHE A 5 24.24 25.25 26.20
N VAL A 6 23.95 24.02 25.83
CA VAL A 6 23.11 23.14 26.64
C VAL A 6 23.33 21.68 26.30
N GLN A 7 23.35 20.84 27.32
CA GLN A 7 23.56 19.40 27.13
C GLN A 7 22.22 18.69 26.95
N ARG A 8 22.10 17.94 25.86
CA ARG A 8 20.88 17.19 25.57
C ARG A 8 21.17 15.71 25.40
N VAL A 9 20.73 14.90 26.36
CA VAL A 9 20.93 13.46 26.31
C VAL A 9 19.67 12.73 25.86
N LYS A 10 18.60 13.49 25.68
CA LYS A 10 17.32 12.92 25.24
C LYS A 10 17.32 12.70 23.73
N ASN A 11 16.80 11.55 23.30
CA ASN A 11 16.74 11.22 21.89
C ASN A 11 15.87 9.98 21.66
N ALA A 12 14.69 10.18 21.10
CA ALA A 12 13.78 9.08 20.82
C ALA A 12 12.62 9.53 19.94
N ALA A 13 12.24 8.69 18.98
CA ALA A 13 11.16 9.01 18.07
C ALA A 13 10.14 7.87 18.02
N SER A 14 8.97 8.15 17.45
CA SER A 14 7.91 7.14 17.33
C SER A 14 8.02 6.40 16.00
N LYS A 15 7.51 5.17 15.98
CA LYS A 15 7.53 4.36 14.79
C LYS A 15 6.43 4.76 13.82
N ALA A 16 5.18 4.61 14.26
CA ALA A 16 4.03 4.96 13.44
C ALA A 16 4.01 4.15 12.15
N TYR A 17 4.61 2.97 12.19
CA TYR A 17 4.65 2.09 11.03
C TYR A 17 3.63 0.96 11.14
N ASN A 18 3.57 0.11 10.12
CA ASN A 18 2.64 -1.00 10.11
C ASN A 18 1.20 -0.51 10.27
N LYS A 19 0.60 -0.12 9.15
CA LYS A 19 -0.77 0.37 9.16
C LYS A 19 -1.52 -0.08 7.90
N LEU A 20 -1.18 -1.27 7.41
CA LEU A 20 -1.83 -1.82 6.22
C LEU A 20 -2.37 -3.21 6.49
N LYS A 21 -3.60 -3.46 6.04
CA LYS A 21 -4.24 -4.76 6.23
C LYS A 21 -5.12 -5.10 5.04
N GLY A 22 -4.51 -5.63 3.99
CA GLY A 22 -5.25 -6.00 2.79
C GLY A 22 -4.36 -6.60 1.72
N LEU A 23 -3.70 -5.73 0.96
CA LEU A 23 -2.81 -6.18 -0.11
C LEU A 23 -1.42 -5.57 0.03
N ALA A 24 -0.46 -6.07 -0.74
CA ALA A 24 0.90 -5.57 -0.70
C ALA A 24 1.36 -5.14 -2.08
N MET A 25 0.51 -4.40 -2.79
CA MET A 25 0.83 -3.93 -4.13
C MET A 25 1.17 -5.09 -5.05
N GLN A 26 0.19 -5.96 -5.28
CA GLN A 26 0.38 -7.12 -6.15
C GLN A 26 -0.74 -7.22 -7.18
N SER A 27 -1.96 -6.95 -6.74
CA SER A 27 -3.12 -7.02 -7.62
C SER A 27 -3.48 -5.63 -8.15
N GLN A 28 -2.46 -4.80 -8.35
CA GLN A 28 -2.66 -3.44 -8.85
C GLN A 28 -1.91 -3.23 -10.16
N TYR A 29 -2.63 -3.28 -11.27
CA TYR A 29 -2.03 -3.09 -12.58
C TYR A 29 -1.01 -4.19 -12.88
N GLY A 30 -1.37 -5.42 -12.50
CA GLY A 30 -0.49 -6.55 -12.74
C GLY A 30 -1.22 -7.75 -13.30
N CYS A 31 -2.18 -7.49 -14.19
CA CYS A 31 -2.96 -8.56 -14.81
C CYS A 31 -2.74 -8.58 -16.32
N PRO A 32 -2.92 -9.76 -16.93
CA PRO A 32 -2.75 -9.95 -18.37
C PRO A 32 -3.85 -9.26 -19.18
N ILE A 33 -5.09 -9.50 -18.78
CA ILE A 33 -6.24 -8.91 -19.46
C ILE A 33 -7.36 -8.58 -18.48
N ILE A 34 -7.24 -7.44 -17.81
CA ILE A 34 -8.24 -7.02 -16.84
C ILE A 34 -9.02 -5.82 -17.37
N SER A 35 -10.34 -5.85 -17.18
CA SER A 35 -11.21 -4.78 -17.63
C SER A 35 -11.33 -3.70 -16.57
N ASN A 36 -11.52 -2.47 -17.01
CA ASN A 36 -11.66 -1.33 -16.09
C ASN A 36 -12.79 -1.57 -15.11
N MET A 37 -13.75 -2.40 -15.49
CA MET A 37 -14.89 -2.71 -14.64
C MET A 37 -14.46 -3.58 -13.46
N CYS A 38 -13.63 -4.58 -13.73
CA CYS A 38 -13.14 -5.48 -12.69
C CYS A 38 -12.15 -4.77 -11.78
N GLU A 39 -11.28 -3.95 -12.37
CA GLU A 39 -10.28 -3.22 -11.60
C GLU A 39 -10.94 -2.14 -10.74
N ASP A 40 -11.88 -1.40 -11.34
CA ASP A 40 -12.58 -0.34 -10.64
C ASP A 40 -13.46 -0.92 -9.53
N HIS A 41 -14.20 -1.98 -9.86
CA HIS A 41 -15.08 -2.63 -8.89
C HIS A 41 -14.28 -3.21 -7.73
N CYS A 42 -13.17 -3.87 -8.04
CA CYS A 42 -12.33 -4.47 -7.02
C CYS A 42 -11.60 -3.40 -6.22
N ARG A 43 -11.16 -2.35 -6.90
CA ARG A 43 -10.45 -1.25 -6.25
C ARG A 43 -11.36 -0.54 -5.24
N ARG A 44 -12.63 -0.38 -5.60
CA ARG A 44 -13.59 0.28 -4.74
C ARG A 44 -13.89 -0.57 -3.50
N LYS A 45 -13.65 -1.87 -3.62
CA LYS A 45 -13.90 -2.81 -2.52
C LYS A 45 -12.59 -3.22 -1.86
N LYS A 46 -11.48 -2.71 -2.39
CA LYS A 46 -10.16 -3.03 -1.85
C LYS A 46 -10.00 -4.54 -1.66
N MET A 47 -10.42 -5.30 -2.65
CA MET A 47 -10.32 -6.76 -2.60
C MET A 47 -9.20 -7.26 -3.51
N GLU A 48 -8.28 -8.02 -2.94
CA GLU A 48 -7.15 -8.57 -3.69
C GLU A 48 -7.32 -10.06 -3.92
N GLY A 49 -6.65 -10.58 -4.96
CA GLY A 49 -6.74 -11.99 -5.25
C GLY A 49 -5.78 -12.40 -6.36
N GLN A 50 -6.32 -12.97 -7.43
CA GLN A 50 -5.50 -13.41 -8.55
C GLN A 50 -6.01 -12.83 -9.87
N CYS A 51 -5.11 -12.66 -10.83
CA CYS A 51 -5.46 -12.10 -12.12
C CYS A 51 -5.63 -13.21 -13.16
N ASP A 52 -6.78 -13.23 -13.82
CA ASP A 52 -7.06 -14.24 -14.85
C ASP A 52 -7.25 -13.59 -16.21
N LEU A 53 -6.74 -14.25 -17.24
CA LEU A 53 -6.84 -13.74 -18.60
C LEU A 53 -8.29 -13.42 -18.96
N LEU A 54 -9.22 -14.19 -18.39
CA LEU A 54 -10.64 -13.99 -18.64
C LEU A 54 -11.17 -12.81 -17.83
N ASP A 55 -10.56 -12.56 -16.67
CA ASP A 55 -10.97 -11.47 -15.81
C ASP A 55 -10.17 -11.48 -14.51
N CYS A 56 -10.40 -10.47 -13.67
CA CYS A 56 -9.70 -10.37 -12.39
C CYS A 56 -10.50 -11.05 -11.29
N VAL A 57 -9.79 -11.69 -10.36
CA VAL A 57 -10.43 -12.37 -9.24
C VAL A 57 -9.97 -11.81 -7.91
N CYS A 58 -10.91 -11.23 -7.17
CA CYS A 58 -10.61 -10.65 -5.87
C CYS A 58 -11.31 -11.42 -4.74
N SER A 59 -10.60 -11.63 -3.65
CA SER A 59 -11.14 -12.35 -2.50
C SER A 59 -10.23 -12.21 -1.29
N ALA A 1 37.72 22.66 41.19
CA ALA A 1 36.80 23.35 40.28
C ALA A 1 35.35 23.05 40.66
N LYS A 2 34.44 23.93 40.26
CA LYS A 2 33.03 23.77 40.55
C LYS A 2 32.18 24.64 39.62
N LYS A 3 30.87 24.40 39.63
CA LYS A 3 29.95 25.17 38.81
C LYS A 3 30.29 25.01 37.32
N PRO A 4 30.01 23.82 36.77
CA PRO A 4 30.28 23.52 35.36
C PRO A 4 29.37 24.30 34.41
N PHE A 5 29.45 23.97 33.13
CA PHE A 5 28.63 24.64 32.12
C PHE A 5 27.90 23.62 31.25
N VAL A 6 26.70 23.98 30.80
CA VAL A 6 25.90 23.09 29.96
C VAL A 6 25.40 23.82 28.72
N GLN A 7 25.86 23.40 27.55
CA GLN A 7 25.45 24.01 26.30
C GLN A 7 25.56 23.02 25.14
N ARG A 8 24.42 22.70 24.54
CA ARG A 8 24.38 21.75 23.43
C ARG A 8 23.00 21.74 22.77
N VAL A 9 22.96 22.05 21.48
CA VAL A 9 21.70 22.07 20.74
C VAL A 9 21.82 21.28 19.45
N LYS A 10 20.99 20.25 19.31
CA LYS A 10 20.99 19.41 18.12
C LYS A 10 19.56 19.11 17.66
N ASN A 11 19.44 18.34 16.59
CA ASN A 11 18.14 17.97 16.05
C ASN A 11 18.13 16.53 15.57
N ALA A 12 17.15 16.19 14.74
CA ALA A 12 17.02 14.84 14.21
C ALA A 12 15.85 14.73 13.26
N ALA A 13 16.04 14.01 12.15
CA ALA A 13 14.99 13.83 11.16
C ALA A 13 14.82 12.35 10.81
N SER A 14 13.59 11.96 10.47
CA SER A 14 13.30 10.58 10.11
C SER A 14 11.87 10.45 9.60
N LYS A 15 11.73 10.17 8.31
CA LYS A 15 10.42 10.01 7.69
C LYS A 15 10.54 9.39 6.30
N ALA A 16 10.01 8.18 6.16
CA ALA A 16 10.05 7.46 4.89
C ALA A 16 8.69 6.87 4.54
N TYR A 17 7.63 7.49 5.05
CA TYR A 17 6.28 7.02 4.79
C TYR A 17 6.08 5.61 5.34
N ASN A 18 4.82 5.17 5.38
CA ASN A 18 4.50 3.84 5.88
C ASN A 18 3.11 3.41 5.43
N LYS A 19 3.04 2.34 4.65
CA LYS A 19 1.78 1.83 4.15
C LYS A 19 1.93 0.39 3.66
N LEU A 20 2.63 0.22 2.55
CA LEU A 20 2.84 -1.11 1.97
C LEU A 20 1.52 -1.83 1.75
N LYS A 21 0.49 -1.06 1.42
CA LYS A 21 -0.84 -1.62 1.17
C LYS A 21 -1.51 -0.93 -0.01
N GLY A 22 -2.03 -1.73 -0.94
CA GLY A 22 -2.69 -1.18 -2.10
C GLY A 22 -1.86 -1.31 -3.36
N LEU A 23 -2.44 -1.91 -4.39
CA LEU A 23 -1.74 -2.10 -5.66
C LEU A 23 -1.62 -0.78 -6.42
N ALA A 24 -1.06 -0.84 -7.62
CA ALA A 24 -0.90 0.34 -8.45
C ALA A 24 -1.75 0.27 -9.71
N MET A 25 -2.99 -0.21 -9.55
CA MET A 25 -3.91 -0.33 -10.67
C MET A 25 -3.34 -1.27 -11.74
N GLN A 26 -2.47 -2.19 -11.31
CA GLN A 26 -1.86 -3.14 -12.22
C GLN A 26 -2.83 -4.26 -12.59
N SER A 27 -3.70 -4.61 -11.64
CA SER A 27 -4.69 -5.66 -11.86
C SER A 27 -5.88 -5.14 -12.64
N GLN A 28 -5.63 -4.68 -13.86
CA GLN A 28 -6.68 -4.15 -14.72
C GLN A 28 -6.79 -4.95 -16.01
N TYR A 29 -7.79 -5.82 -16.08
CA TYR A 29 -7.99 -6.65 -17.27
C TYR A 29 -6.75 -7.47 -17.58
N GLY A 30 -6.11 -8.00 -16.54
CA GLY A 30 -4.91 -8.79 -16.73
C GLY A 30 -4.99 -10.13 -16.00
N CYS A 31 -6.12 -10.82 -16.16
CA CYS A 31 -6.31 -12.11 -15.51
C CYS A 31 -6.44 -13.22 -16.55
N PRO A 32 -6.08 -14.45 -16.16
CA PRO A 32 -6.15 -15.62 -17.04
C PRO A 32 -7.59 -16.04 -17.34
N ILE A 33 -8.40 -16.14 -16.30
CA ILE A 33 -9.80 -16.52 -16.45
C ILE A 33 -10.69 -15.76 -15.48
N ILE A 34 -11.01 -14.52 -15.84
CA ILE A 34 -11.86 -13.68 -15.01
C ILE A 34 -13.23 -13.48 -15.64
N SER A 35 -14.27 -13.58 -14.83
CA SER A 35 -15.64 -13.41 -15.31
C SER A 35 -16.09 -11.95 -15.19
N ASN A 36 -16.87 -11.51 -16.16
CA ASN A 36 -17.37 -10.13 -16.18
C ASN A 36 -18.05 -9.80 -14.86
N MET A 37 -18.60 -10.80 -14.20
CA MET A 37 -19.28 -10.61 -12.92
C MET A 37 -18.28 -10.26 -11.82
N CYS A 38 -17.17 -10.98 -11.79
CA CYS A 38 -16.13 -10.76 -10.79
C CYS A 38 -15.38 -9.46 -11.07
N GLU A 39 -15.02 -9.25 -12.34
CA GLU A 39 -14.30 -8.05 -12.74
C GLU A 39 -15.13 -6.81 -12.50
N ASP A 40 -16.40 -6.86 -12.87
CA ASP A 40 -17.31 -5.74 -12.68
C ASP A 40 -17.58 -5.50 -11.20
N HIS A 41 -17.84 -6.57 -10.47
CA HIS A 41 -18.13 -6.48 -9.05
C HIS A 41 -16.92 -5.94 -8.28
N CYS A 42 -15.74 -6.45 -8.62
CA CYS A 42 -14.51 -6.03 -7.97
C CYS A 42 -14.16 -4.59 -8.36
N ARG A 43 -14.48 -4.23 -9.59
CA ARG A 43 -14.19 -2.89 -10.09
C ARG A 43 -15.11 -1.86 -9.42
N ARG A 44 -16.35 -2.26 -9.17
CA ARG A 44 -17.33 -1.38 -8.54
C ARG A 44 -16.87 -0.98 -7.13
N LYS A 45 -16.22 -1.91 -6.44
CA LYS A 45 -15.73 -1.64 -5.09
C LYS A 45 -14.31 -1.07 -5.13
N LYS A 46 -13.78 -0.90 -6.33
CA LYS A 46 -12.44 -0.36 -6.51
C LYS A 46 -11.43 -1.11 -5.63
N MET A 47 -11.66 -2.40 -5.46
CA MET A 47 -10.78 -3.23 -4.64
C MET A 47 -9.76 -3.97 -5.50
N GLU A 48 -8.49 -3.81 -5.19
CA GLU A 48 -7.42 -4.45 -5.95
C GLU A 48 -6.84 -5.63 -5.17
N GLY A 49 -6.72 -6.78 -5.83
CA GLY A 49 -6.17 -7.95 -5.17
C GLY A 49 -5.29 -8.77 -6.10
N GLN A 50 -5.72 -9.99 -6.40
CA GLN A 50 -4.96 -10.86 -7.28
C GLN A 50 -5.89 -11.62 -8.23
N CYS A 51 -5.35 -11.98 -9.40
CA CYS A 51 -6.13 -12.70 -10.40
C CYS A 51 -5.91 -14.21 -10.26
N ASP A 52 -6.99 -14.92 -9.93
CA ASP A 52 -6.92 -16.37 -9.78
C ASP A 52 -7.58 -17.08 -10.96
N LEU A 53 -6.97 -18.16 -11.41
CA LEU A 53 -7.50 -18.93 -12.53
C LEU A 53 -8.95 -19.32 -12.29
N LEU A 54 -9.31 -19.52 -11.03
CA LEU A 54 -10.66 -19.89 -10.66
C LEU A 54 -11.59 -18.67 -10.69
N ASP A 55 -11.02 -17.50 -10.41
CA ASP A 55 -11.79 -16.27 -10.40
C ASP A 55 -10.92 -15.09 -9.94
N CYS A 56 -11.52 -13.90 -9.92
CA CYS A 56 -10.80 -12.70 -9.50
C CYS A 56 -10.83 -12.56 -7.98
N VAL A 57 -9.74 -12.05 -7.42
CA VAL A 57 -9.63 -11.86 -5.98
C VAL A 57 -9.45 -10.38 -5.64
N CYS A 58 -10.35 -9.86 -4.82
CA CYS A 58 -10.29 -8.46 -4.40
C CYS A 58 -9.56 -8.31 -3.07
N SER A 59 -8.68 -7.32 -2.99
CA SER A 59 -7.91 -7.08 -1.77
C SER A 59 -7.79 -5.58 -1.51
N ALA A 1 38.94 30.43 30.36
CA ALA A 1 37.64 30.14 29.79
C ALA A 1 37.38 28.63 29.76
N LYS A 2 36.27 28.22 30.36
CA LYS A 2 35.89 26.81 30.40
C LYS A 2 34.39 26.64 30.34
N LYS A 3 33.90 26.10 29.23
CA LYS A 3 32.47 25.88 29.05
C LYS A 3 32.17 24.40 28.84
N PRO A 4 32.34 23.61 29.91
CA PRO A 4 32.08 22.16 29.87
C PRO A 4 30.61 21.83 29.73
N PHE A 5 30.29 20.54 29.70
CA PHE A 5 28.91 20.10 29.57
C PHE A 5 28.29 20.60 28.27
N VAL A 6 27.09 20.12 27.96
CA VAL A 6 26.39 20.52 26.75
C VAL A 6 24.88 20.42 26.92
N GLN A 7 24.15 21.30 26.25
CA GLN A 7 22.70 21.31 26.33
C GLN A 7 22.08 20.39 25.29
N ARG A 8 20.75 20.33 25.26
CA ARG A 8 20.05 19.49 24.31
C ARG A 8 18.90 20.25 23.64
N VAL A 9 18.96 20.35 22.33
CA VAL A 9 17.94 21.06 21.55
C VAL A 9 17.56 20.30 20.30
N LYS A 10 16.31 20.46 19.86
CA LYS A 10 15.83 19.79 18.66
C LYS A 10 16.01 18.28 18.78
N ASN A 11 14.97 17.59 19.26
CA ASN A 11 15.01 16.14 19.42
C ASN A 11 13.64 15.54 19.18
N ALA A 12 13.41 15.08 17.95
CA ALA A 12 12.14 14.47 17.60
C ALA A 12 12.23 13.74 16.26
N ALA A 13 11.55 12.60 16.17
CA ALA A 13 11.56 11.82 14.94
C ALA A 13 10.23 11.09 14.74
N SER A 14 9.42 11.59 13.81
CA SER A 14 8.12 10.99 13.53
C SER A 14 8.18 10.15 12.26
N LYS A 15 7.77 8.88 12.38
CA LYS A 15 7.78 7.97 11.25
C LYS A 15 6.86 8.48 10.14
N ALA A 16 5.84 9.24 10.53
CA ALA A 16 4.89 9.80 9.56
C ALA A 16 4.24 8.70 8.73
N TYR A 17 3.19 8.09 9.28
CA TYR A 17 2.48 7.01 8.59
C TYR A 17 1.07 6.85 9.13
N ASN A 18 0.10 6.71 8.23
CA ASN A 18 -1.29 6.56 8.62
C ASN A 18 -2.15 6.17 7.41
N LYS A 19 -2.93 5.10 7.57
CA LYS A 19 -3.81 4.64 6.50
C LYS A 19 -3.00 4.30 5.25
N LEU A 20 -1.90 3.58 5.44
CA LEU A 20 -1.04 3.18 4.33
C LEU A 20 -1.13 1.68 4.09
N LYS A 21 -2.17 1.25 3.38
CA LYS A 21 -2.36 -0.16 3.08
C LYS A 21 -3.49 -0.34 2.06
N GLY A 22 -3.31 -1.29 1.15
CA GLY A 22 -4.32 -1.56 0.14
C GLY A 22 -4.00 -2.77 -0.70
N LEU A 23 -3.37 -2.55 -1.86
CA LEU A 23 -3.01 -3.64 -2.76
C LEU A 23 -1.49 -3.83 -2.79
N ALA A 24 -1.03 -4.65 -3.72
CA ALA A 24 0.40 -4.92 -3.86
C ALA A 24 0.79 -5.07 -5.32
N MET A 25 0.09 -4.34 -6.20
CA MET A 25 0.37 -4.38 -7.62
C MET A 25 0.32 -5.81 -8.14
N GLN A 26 -0.87 -6.27 -8.47
CA GLN A 26 -1.05 -7.64 -8.99
C GLN A 26 -2.48 -7.85 -9.50
N SER A 27 -3.44 -7.27 -8.78
CA SER A 27 -4.84 -7.39 -9.16
C SER A 27 -5.37 -6.08 -9.73
N GLN A 28 -4.50 -5.35 -10.41
CA GLN A 28 -4.88 -4.07 -11.01
C GLN A 28 -4.67 -4.10 -12.52
N TYR A 29 -5.66 -4.63 -13.24
CA TYR A 29 -5.59 -4.72 -14.69
C TYR A 29 -4.32 -5.45 -15.13
N GLY A 30 -3.91 -6.44 -14.34
CA GLY A 30 -2.72 -7.20 -14.66
C GLY A 30 -3.02 -8.65 -14.97
N CYS A 31 -4.14 -8.89 -15.62
CA CYS A 31 -4.55 -10.25 -15.98
C CYS A 31 -4.55 -10.44 -17.50
N PRO A 32 -4.40 -11.70 -17.93
CA PRO A 32 -4.38 -12.04 -19.36
C PRO A 32 -5.75 -11.86 -20.02
N ILE A 33 -6.78 -12.43 -19.39
CA ILE A 33 -8.13 -12.33 -19.93
C ILE A 33 -9.16 -12.38 -18.80
N ILE A 34 -9.51 -11.21 -18.28
CA ILE A 34 -10.49 -11.11 -17.21
C ILE A 34 -11.71 -10.31 -17.64
N SER A 35 -12.67 -10.17 -16.74
CA SER A 35 -13.89 -9.42 -17.02
C SER A 35 -13.84 -8.03 -16.39
N ASN A 36 -14.12 -7.00 -17.18
CA ASN A 36 -14.11 -5.63 -16.70
C ASN A 36 -15.00 -5.48 -15.47
N MET A 37 -16.03 -6.31 -15.40
CA MET A 37 -16.97 -6.26 -14.27
C MET A 37 -16.27 -6.66 -12.97
N CYS A 38 -15.51 -7.74 -13.04
CA CYS A 38 -14.79 -8.24 -11.86
C CYS A 38 -13.61 -7.33 -11.53
N GLU A 39 -13.05 -6.70 -12.55
CA GLU A 39 -11.91 -5.81 -12.37
C GLU A 39 -12.33 -4.54 -11.63
N ASP A 40 -13.45 -3.96 -12.03
CA ASP A 40 -13.96 -2.75 -11.41
C ASP A 40 -14.50 -3.04 -10.01
N HIS A 41 -15.19 -4.17 -9.88
CA HIS A 41 -15.75 -4.57 -8.59
C HIS A 41 -14.66 -4.82 -7.56
N CYS A 42 -13.61 -5.51 -7.98
CA CYS A 42 -12.49 -5.81 -7.10
C CYS A 42 -11.67 -4.56 -6.79
N ARG A 43 -11.50 -3.72 -7.81
CA ARG A 43 -10.74 -2.48 -7.66
C ARG A 43 -11.43 -1.53 -6.68
N ARG A 44 -12.75 -1.45 -6.79
CA ARG A 44 -13.53 -0.57 -5.92
C ARG A 44 -13.56 -1.11 -4.49
N LYS A 45 -13.32 -2.42 -4.35
CA LYS A 45 -13.32 -3.06 -3.04
C LYS A 45 -11.91 -3.12 -2.47
N LYS A 46 -10.95 -2.60 -3.23
CA LYS A 46 -9.56 -2.59 -2.80
C LYS A 46 -9.12 -3.98 -2.32
N MET A 47 -9.65 -5.01 -2.97
CA MET A 47 -9.32 -6.39 -2.62
C MET A 47 -8.41 -7.01 -3.68
N GLU A 48 -7.27 -7.52 -3.24
CA GLU A 48 -6.32 -8.15 -4.16
C GLU A 48 -6.34 -9.66 -4.00
N GLY A 49 -6.11 -10.37 -5.11
CA GLY A 49 -6.11 -11.82 -5.07
C GLY A 49 -5.24 -12.43 -6.15
N GLN A 50 -5.86 -13.04 -7.14
CA GLN A 50 -5.12 -13.67 -8.24
C GLN A 50 -5.84 -13.45 -9.57
N CYS A 51 -5.07 -13.43 -10.65
CA CYS A 51 -5.63 -13.23 -11.98
C CYS A 51 -5.73 -14.56 -12.73
N ASP A 52 -6.96 -15.05 -12.89
CA ASP A 52 -7.20 -16.30 -13.59
C ASP A 52 -7.67 -16.05 -15.01
N LEU A 53 -7.21 -16.88 -15.94
CA LEU A 53 -7.58 -16.75 -17.34
C LEU A 53 -9.10 -16.71 -17.50
N LEU A 54 -9.80 -17.41 -16.62
CA LEU A 54 -11.27 -17.45 -16.66
C LEU A 54 -11.85 -16.18 -16.06
N ASP A 55 -11.13 -15.58 -15.12
CA ASP A 55 -11.59 -14.36 -14.47
C ASP A 55 -10.64 -13.96 -13.34
N CYS A 56 -10.92 -12.82 -12.71
CA CYS A 56 -10.10 -12.33 -11.61
C CYS A 56 -10.68 -12.75 -10.27
N VAL A 57 -9.79 -13.07 -9.33
CA VAL A 57 -10.21 -13.49 -8.00
C VAL A 57 -9.76 -12.48 -6.94
N CYS A 58 -10.68 -12.13 -6.05
CA CYS A 58 -10.38 -11.17 -4.99
C CYS A 58 -10.02 -11.89 -3.69
N SER A 59 -8.98 -11.41 -3.02
CA SER A 59 -8.54 -12.01 -1.77
C SER A 59 -8.15 -10.93 -0.75
N ALA A 1 11.84 31.82 34.84
CA ALA A 1 12.16 31.06 33.64
C ALA A 1 13.66 31.09 33.36
N LYS A 2 14.43 30.40 34.20
CA LYS A 2 15.87 30.33 34.04
C LYS A 2 16.34 28.89 33.86
N LYS A 3 15.54 28.10 33.17
CA LYS A 3 15.88 26.69 32.93
C LYS A 3 15.68 26.33 31.46
N PRO A 4 16.59 26.81 30.61
CA PRO A 4 16.54 26.54 29.17
C PRO A 4 16.84 25.09 28.84
N PHE A 5 16.84 24.77 27.54
CA PHE A 5 17.11 23.41 27.09
C PHE A 5 17.69 23.41 25.68
N VAL A 6 18.99 23.16 25.58
CA VAL A 6 19.67 23.13 24.29
C VAL A 6 20.12 21.72 23.94
N GLN A 7 19.94 21.35 22.67
CA GLN A 7 20.34 20.02 22.21
C GLN A 7 20.40 19.98 20.68
N ARG A 8 21.21 19.06 20.16
CA ARG A 8 21.36 18.91 18.72
C ARG A 8 22.04 17.59 18.37
N VAL A 9 21.27 16.66 17.82
CA VAL A 9 21.78 15.35 17.44
C VAL A 9 20.72 14.54 16.70
N LYS A 10 21.17 13.74 15.74
CA LYS A 10 20.27 12.90 14.96
C LYS A 10 21.05 11.98 14.03
N ASN A 11 20.42 10.87 13.63
CA ASN A 11 21.05 9.91 12.75
C ASN A 11 20.11 8.76 12.41
N ALA A 12 19.39 8.89 11.30
CA ALA A 12 18.44 7.87 10.89
C ALA A 12 17.91 8.16 9.48
N ALA A 13 17.92 7.13 8.63
CA ALA A 13 17.44 7.28 7.26
C ALA A 13 17.16 5.91 6.64
N SER A 14 16.06 5.30 7.04
CA SER A 14 15.67 3.99 6.52
C SER A 14 14.20 3.72 6.77
N LYS A 15 13.36 4.22 5.87
CA LYS A 15 11.91 4.03 5.98
C LYS A 15 11.27 3.92 4.60
N ALA A 16 11.67 2.91 3.84
CA ALA A 16 11.13 2.68 2.51
C ALA A 16 11.16 1.21 2.14
N TYR A 17 10.26 0.44 2.75
CA TYR A 17 10.18 -1.00 2.49
C TYR A 17 8.75 -1.42 2.20
N ASN A 18 8.58 -2.67 1.79
CA ASN A 18 7.25 -3.21 1.49
C ASN A 18 6.55 -2.34 0.45
N LYS A 19 7.32 -1.84 -0.52
CA LYS A 19 6.76 -1.00 -1.57
C LYS A 19 6.65 -1.77 -2.88
N LEU A 20 7.77 -2.29 -3.36
CA LEU A 20 7.79 -3.05 -4.60
C LEU A 20 7.16 -4.42 -4.41
N LYS A 21 7.23 -5.25 -5.45
CA LYS A 21 6.67 -6.59 -5.39
C LYS A 21 5.17 -6.55 -5.08
N GLY A 22 4.38 -6.29 -6.11
CA GLY A 22 2.93 -6.22 -5.92
C GLY A 22 2.17 -6.94 -7.03
N LEU A 23 1.77 -6.19 -8.05
CA LEU A 23 1.04 -6.76 -9.17
C LEU A 23 1.95 -6.98 -10.37
N ALA A 24 1.38 -7.51 -11.45
CA ALA A 24 2.14 -7.77 -12.67
C ALA A 24 1.55 -7.03 -13.86
N MET A 25 1.01 -5.84 -13.61
CA MET A 25 0.41 -5.04 -14.67
C MET A 25 -0.66 -5.83 -15.41
N GLN A 26 -1.89 -5.76 -14.92
CA GLN A 26 -3.00 -6.47 -15.54
C GLN A 26 -4.31 -6.16 -14.82
N SER A 27 -4.28 -6.20 -13.50
CA SER A 27 -5.47 -5.93 -12.70
C SER A 27 -5.44 -4.51 -12.14
N GLN A 28 -5.13 -3.55 -13.01
CA GLN A 28 -5.05 -2.15 -12.60
C GLN A 28 -6.10 -1.32 -13.34
N TYR A 29 -7.23 -1.07 -12.67
CA TYR A 29 -8.31 -0.29 -13.27
C TYR A 29 -8.73 -0.88 -14.62
N GLY A 30 -8.73 -2.20 -14.70
CA GLY A 30 -9.12 -2.87 -15.92
C GLY A 30 -10.13 -3.98 -15.69
N CYS A 31 -11.12 -3.72 -14.85
CA CYS A 31 -12.14 -4.70 -14.54
C CYS A 31 -13.51 -4.23 -15.04
N PRO A 32 -14.41 -5.20 -15.30
CA PRO A 32 -15.76 -4.91 -15.79
C PRO A 32 -16.62 -4.25 -14.72
N ILE A 33 -16.67 -4.85 -13.54
CA ILE A 33 -17.47 -4.33 -12.44
C ILE A 33 -16.86 -4.69 -11.09
N ILE A 34 -15.98 -3.84 -10.59
CA ILE A 34 -15.32 -4.08 -9.31
C ILE A 34 -15.74 -3.04 -8.28
N SER A 35 -16.00 -3.50 -7.06
CA SER A 35 -16.42 -2.61 -5.98
C SER A 35 -15.21 -1.95 -5.32
N ASN A 36 -15.31 -0.65 -5.09
CA ASN A 36 -14.23 0.11 -4.48
C ASN A 36 -13.77 -0.56 -3.18
N MET A 37 -14.71 -1.21 -2.50
CA MET A 37 -14.39 -1.89 -1.26
C MET A 37 -13.40 -3.04 -1.49
N CYS A 38 -13.67 -3.83 -2.52
CA CYS A 38 -12.81 -4.96 -2.86
C CYS A 38 -11.49 -4.48 -3.45
N GLU A 39 -11.52 -3.32 -4.10
CA GLU A 39 -10.33 -2.74 -4.70
C GLU A 39 -9.34 -2.29 -3.63
N ASP A 40 -9.85 -1.59 -2.63
CA ASP A 40 -9.01 -1.09 -1.54
C ASP A 40 -8.54 -2.23 -0.64
N HIS A 41 -9.45 -3.15 -0.32
CA HIS A 41 -9.12 -4.29 0.52
C HIS A 41 -8.09 -5.18 -0.16
N CYS A 42 -8.29 -5.45 -1.45
CA CYS A 42 -7.38 -6.30 -2.21
C CYS A 42 -6.05 -5.59 -2.44
N ARG A 43 -6.11 -4.28 -2.63
CA ARG A 43 -4.91 -3.48 -2.87
C ARG A 43 -4.09 -3.34 -1.59
N ARG A 44 -4.78 -3.33 -0.45
CA ARG A 44 -4.12 -3.20 0.84
C ARG A 44 -3.15 -4.36 1.07
N LYS A 45 -3.40 -5.48 0.40
CA LYS A 45 -2.57 -6.66 0.54
C LYS A 45 -1.66 -6.83 -0.67
N LYS A 46 -1.77 -5.90 -1.63
CA LYS A 46 -0.96 -5.94 -2.83
C LYS A 46 -1.01 -7.33 -3.47
N MET A 47 -2.22 -7.84 -3.68
CA MET A 47 -2.41 -9.16 -4.29
C MET A 47 -3.26 -9.05 -5.55
N GLU A 48 -2.73 -9.56 -6.66
CA GLU A 48 -3.43 -9.53 -7.93
C GLU A 48 -3.98 -10.91 -8.28
N GLY A 49 -5.22 -10.94 -8.78
CA GLY A 49 -5.84 -12.20 -9.15
C GLY A 49 -6.60 -12.10 -10.46
N GLN A 50 -7.92 -11.99 -10.36
CA GLN A 50 -8.77 -11.90 -11.55
C GLN A 50 -9.91 -10.90 -11.34
N CYS A 51 -10.36 -10.30 -12.43
CA CYS A 51 -11.44 -9.32 -12.36
C CYS A 51 -12.78 -9.97 -12.73
N ASP A 52 -13.67 -10.08 -11.75
CA ASP A 52 -14.98 -10.67 -11.96
C ASP A 52 -16.08 -9.61 -11.88
N LEU A 53 -17.05 -9.71 -12.77
CA LEU A 53 -18.17 -8.76 -12.80
C LEU A 53 -18.83 -8.65 -11.43
N LEU A 54 -18.81 -9.76 -10.69
CA LEU A 54 -19.41 -9.79 -9.36
C LEU A 54 -18.49 -9.14 -8.33
N ASP A 55 -17.18 -9.20 -8.58
CA ASP A 55 -16.20 -8.61 -7.68
C ASP A 55 -14.78 -8.94 -8.14
N CYS A 56 -13.80 -8.43 -7.40
CA CYS A 56 -12.40 -8.67 -7.73
C CYS A 56 -11.81 -9.77 -6.86
N VAL A 57 -11.05 -10.67 -7.47
CA VAL A 57 -10.42 -11.77 -6.76
C VAL A 57 -8.93 -11.55 -6.61
N CYS A 58 -8.42 -11.76 -5.39
CA CYS A 58 -6.99 -11.59 -5.12
C CYS A 58 -6.25 -12.91 -5.25
N SER A 59 -5.09 -12.87 -5.89
CA SER A 59 -4.28 -14.07 -6.08
C SER A 59 -2.79 -13.73 -6.04
N ALA A 1 29.43 19.38 38.37
CA ALA A 1 29.65 19.56 36.94
C ALA A 1 30.84 18.74 36.45
N LYS A 2 30.97 17.53 36.99
CA LYS A 2 32.06 16.64 36.61
C LYS A 2 32.00 16.30 35.13
N LYS A 3 30.79 16.08 34.63
CA LYS A 3 30.59 15.74 33.22
C LYS A 3 31.08 16.87 32.32
N PRO A 4 31.34 16.54 31.05
CA PRO A 4 31.82 17.51 30.06
C PRO A 4 30.76 18.54 29.69
N PHE A 5 31.09 19.40 28.74
CA PHE A 5 30.17 20.44 28.30
C PHE A 5 29.92 20.33 26.79
N VAL A 6 28.66 20.51 26.40
CA VAL A 6 28.28 20.43 24.99
C VAL A 6 26.83 20.85 24.79
N GLN A 7 26.58 21.59 23.72
CA GLN A 7 25.22 22.05 23.42
C GLN A 7 24.76 21.54 22.06
N ARG A 8 24.54 20.24 21.97
CA ARG A 8 24.10 19.61 20.73
C ARG A 8 22.76 20.20 20.27
N VAL A 9 22.55 20.23 18.95
CA VAL A 9 21.32 20.76 18.38
C VAL A 9 20.55 19.68 17.62
N LYS A 10 19.24 19.66 17.81
CA LYS A 10 18.39 18.68 17.14
C LYS A 10 17.40 19.36 16.21
N ASN A 11 16.98 18.64 15.17
CA ASN A 11 16.03 19.19 14.21
C ASN A 11 15.41 18.07 13.37
N ALA A 12 14.21 17.65 13.75
CA ALA A 12 13.51 16.60 13.03
C ALA A 12 12.00 16.83 13.03
N ALA A 13 11.36 16.51 11.92
CA ALA A 13 9.91 16.70 11.78
C ALA A 13 9.23 15.39 11.39
N SER A 14 7.91 15.42 11.29
CA SER A 14 7.14 14.25 10.92
C SER A 14 5.92 14.63 10.07
N LYS A 15 5.84 14.04 8.88
CA LYS A 15 4.74 14.31 7.98
C LYS A 15 4.60 13.20 6.94
N ALA A 16 3.72 12.24 7.23
CA ALA A 16 3.50 11.13 6.32
C ALA A 16 2.12 10.51 6.55
N TYR A 17 1.08 11.34 6.43
CA TYR A 17 -0.29 10.88 6.62
C TYR A 17 -1.06 10.88 5.30
N ASN A 18 -1.94 9.90 5.14
CA ASN A 18 -2.74 9.80 3.92
C ASN A 18 -1.84 9.66 2.69
N LYS A 19 -1.35 8.46 2.45
CA LYS A 19 -0.48 8.20 1.31
C LYS A 19 -1.19 7.33 0.27
N LEU A 20 -2.03 6.41 0.74
CA LEU A 20 -2.76 5.52 -0.14
C LEU A 20 -4.27 5.65 0.09
N LYS A 21 -5.04 5.38 -0.96
CA LYS A 21 -6.50 5.47 -0.88
C LYS A 21 -7.15 4.59 -1.93
N GLY A 22 -6.47 3.51 -2.31
CA GLY A 22 -7.01 2.61 -3.30
C GLY A 22 -6.17 1.36 -3.48
N LEU A 23 -5.31 1.35 -4.49
CA LEU A 23 -4.44 0.21 -4.76
C LEU A 23 -2.98 0.63 -4.75
N ALA A 24 -2.09 -0.34 -4.97
CA ALA A 24 -0.66 -0.07 -4.98
C ALA A 24 -0.06 -0.36 -6.36
N MET A 25 -0.83 -0.06 -7.39
CA MET A 25 -0.37 -0.28 -8.77
C MET A 25 0.02 -1.74 -8.98
N GLN A 26 -0.61 -2.63 -8.23
CA GLN A 26 -0.33 -4.06 -8.33
C GLN A 26 -1.45 -4.79 -9.05
N SER A 27 -2.67 -4.27 -8.93
CA SER A 27 -3.83 -4.87 -9.56
C SER A 27 -4.34 -3.99 -10.71
N GLN A 28 -3.51 -3.85 -11.73
CA GLN A 28 -3.87 -3.03 -12.90
C GLN A 28 -3.85 -3.87 -14.17
N TYR A 29 -4.81 -4.79 -14.28
CA TYR A 29 -4.90 -5.65 -15.45
C TYR A 29 -3.60 -6.40 -15.67
N GLY A 30 -3.01 -6.90 -14.59
CA GLY A 30 -1.77 -7.63 -14.69
C GLY A 30 -1.83 -9.00 -14.04
N CYS A 31 -2.87 -9.76 -14.39
CA CYS A 31 -3.05 -11.10 -13.82
C CYS A 31 -2.91 -12.17 -14.91
N PRO A 32 -2.55 -13.38 -14.49
CA PRO A 32 -2.37 -14.52 -15.40
C PRO A 32 -3.69 -15.00 -15.99
N ILE A 33 -4.65 -15.26 -15.10
CA ILE A 33 -5.97 -15.74 -15.53
C ILE A 33 -7.05 -15.31 -14.55
N ILE A 34 -7.62 -14.13 -14.79
CA ILE A 34 -8.68 -13.61 -13.93
C ILE A 34 -10.00 -13.52 -14.67
N SER A 35 -11.08 -13.92 -14.00
CA SER A 35 -12.41 -13.90 -14.60
C SER A 35 -13.01 -12.49 -14.53
N ASN A 36 -13.56 -12.04 -15.65
CA ASN A 36 -14.17 -10.71 -15.71
C ASN A 36 -15.16 -10.51 -14.56
N MET A 37 -15.79 -11.59 -14.14
CA MET A 37 -16.75 -11.53 -13.04
C MET A 37 -16.07 -11.14 -11.73
N CYS A 38 -14.94 -11.77 -11.45
CA CYS A 38 -14.19 -11.49 -10.24
C CYS A 38 -13.52 -10.12 -10.31
N GLU A 39 -13.20 -9.68 -11.52
CA GLU A 39 -12.57 -8.38 -11.72
C GLU A 39 -13.55 -7.25 -11.43
N ASP A 40 -14.76 -7.37 -11.94
CA ASP A 40 -15.79 -6.36 -11.72
C ASP A 40 -16.26 -6.36 -10.27
N HIS A 41 -16.39 -7.54 -9.69
CA HIS A 41 -16.83 -7.68 -8.31
C HIS A 41 -15.82 -7.06 -7.35
N CYS A 42 -14.54 -7.34 -7.59
CA CYS A 42 -13.47 -6.80 -6.74
C CYS A 42 -13.30 -5.30 -6.98
N ARG A 43 -13.50 -4.88 -8.22
CA ARG A 43 -13.36 -3.47 -8.58
C ARG A 43 -14.49 -2.65 -7.96
N ARG A 44 -15.66 -3.24 -7.87
CA ARG A 44 -16.82 -2.55 -7.31
C ARG A 44 -16.58 -2.18 -5.84
N LYS A 45 -15.68 -2.92 -5.19
CA LYS A 45 -15.35 -2.67 -3.80
C LYS A 45 -13.99 -1.98 -3.68
N LYS A 46 -13.36 -1.72 -4.81
CA LYS A 46 -12.06 -1.06 -4.83
C LYS A 46 -11.08 -1.77 -3.89
N MET A 47 -11.21 -3.09 -3.79
CA MET A 47 -10.33 -3.87 -2.92
C MET A 47 -9.21 -4.52 -3.73
N GLU A 48 -7.98 -4.28 -3.31
CA GLU A 48 -6.82 -4.85 -3.99
C GLU A 48 -6.22 -5.99 -3.18
N GLY A 49 -5.75 -7.02 -3.89
CA GLY A 49 -5.15 -8.17 -3.22
C GLY A 49 -4.04 -8.80 -4.04
N GLN A 50 -4.30 -9.99 -4.57
CA GLN A 50 -3.31 -10.70 -5.37
C GLN A 50 -3.96 -11.39 -6.55
N CYS A 51 -3.19 -11.58 -7.63
CA CYS A 51 -3.71 -12.22 -8.83
C CYS A 51 -3.36 -13.72 -8.83
N ASP A 52 -4.39 -14.55 -8.88
CA ASP A 52 -4.21 -16.00 -8.89
C ASP A 52 -4.71 -16.61 -10.20
N LEU A 53 -3.96 -17.58 -10.72
CA LEU A 53 -4.33 -18.25 -11.96
C LEU A 53 -5.77 -18.77 -11.90
N LEU A 54 -6.20 -19.15 -10.70
CA LEU A 54 -7.55 -19.67 -10.50
C LEU A 54 -8.56 -18.52 -10.46
N ASP A 55 -8.12 -17.36 -10.00
CA ASP A 55 -8.99 -16.19 -9.91
C ASP A 55 -8.27 -15.03 -9.23
N CYS A 56 -8.97 -13.91 -9.07
CA CYS A 56 -8.40 -12.73 -8.44
C CYS A 56 -8.78 -12.67 -6.96
N VAL A 57 -7.79 -12.39 -6.12
CA VAL A 57 -8.01 -12.30 -4.68
C VAL A 57 -8.08 -10.85 -4.22
N CYS A 58 -9.12 -10.54 -3.45
CA CYS A 58 -9.31 -9.18 -2.95
C CYS A 58 -8.75 -9.04 -1.53
N SER A 59 -8.04 -7.94 -1.29
CA SER A 59 -7.45 -7.69 0.02
C SER A 59 -7.62 -6.23 0.42
N ALA A 1 38.65 19.07 38.92
CA ALA A 1 38.76 19.31 37.48
C ALA A 1 37.41 19.11 36.79
N LYS A 2 36.36 19.70 37.36
CA LYS A 2 35.03 19.59 36.79
C LYS A 2 34.80 20.66 35.72
N LYS A 3 35.09 20.31 34.47
CA LYS A 3 34.92 21.23 33.35
C LYS A 3 34.07 20.59 32.25
N PRO A 4 32.77 20.43 32.52
CA PRO A 4 31.84 19.84 31.56
C PRO A 4 31.57 20.75 30.37
N PHE A 5 30.70 20.30 29.47
CA PHE A 5 30.36 21.08 28.28
C PHE A 5 28.85 21.08 28.05
N VAL A 6 28.22 22.23 28.29
CA VAL A 6 26.79 22.35 28.10
C VAL A 6 26.40 22.16 26.64
N GLN A 7 25.23 21.57 26.42
CA GLN A 7 24.75 21.33 25.06
C GLN A 7 23.23 21.11 25.06
N ARG A 8 22.56 21.66 24.06
CA ARG A 8 21.12 21.52 23.93
C ARG A 8 20.65 21.93 22.54
N VAL A 9 20.41 20.94 21.68
CA VAL A 9 19.96 21.20 20.32
C VAL A 9 19.13 20.03 19.79
N LYS A 10 18.01 20.35 19.15
CA LYS A 10 17.14 19.33 18.59
C LYS A 10 16.73 19.69 17.17
N ASN A 11 16.39 18.67 16.37
CA ASN A 11 15.98 18.88 14.99
C ASN A 11 15.31 17.63 14.43
N ALA A 12 13.98 17.63 14.40
CA ALA A 12 13.23 16.51 13.88
C ALA A 12 11.75 16.85 13.77
N ALA A 13 11.23 16.79 12.54
CA ALA A 13 9.83 17.09 12.29
C ALA A 13 9.33 16.37 11.04
N SER A 14 8.08 15.91 11.08
CA SER A 14 7.48 15.20 9.96
C SER A 14 6.05 14.80 10.27
N LYS A 15 5.17 14.97 9.29
CA LYS A 15 3.75 14.61 9.45
C LYS A 15 3.08 14.43 8.09
N ALA A 16 3.73 13.67 7.21
CA ALA A 16 3.19 13.42 5.88
C ALA A 16 2.73 11.97 5.75
N TYR A 17 2.08 11.47 6.80
CA TYR A 17 1.60 10.09 6.80
C TYR A 17 0.24 9.99 6.11
N ASN A 18 0.15 9.13 5.11
CA ASN A 18 -1.09 8.93 4.36
C ASN A 18 -1.03 7.66 3.53
N LYS A 19 -1.89 6.71 3.87
CA LYS A 19 -1.94 5.43 3.15
C LYS A 19 -3.31 4.78 3.30
N LEU A 20 -4.28 5.25 2.52
CA LEU A 20 -5.63 4.71 2.56
C LEU A 20 -6.17 4.48 1.16
N LYS A 21 -6.62 3.26 0.90
CA LYS A 21 -7.17 2.90 -0.41
C LYS A 21 -6.10 3.02 -1.50
N GLY A 22 -6.37 2.42 -2.65
CA GLY A 22 -5.43 2.47 -3.74
C GLY A 22 -4.52 1.27 -3.80
N LEU A 23 -4.55 0.54 -4.92
CA LEU A 23 -3.72 -0.65 -5.09
C LEU A 23 -2.31 -0.28 -5.48
N ALA A 24 -1.52 -1.27 -5.88
CA ALA A 24 -0.14 -1.05 -6.28
C ALA A 24 0.10 -1.52 -7.71
N MET A 25 -0.93 -1.42 -8.53
CA MET A 25 -0.83 -1.84 -9.93
C MET A 25 -0.39 -3.29 -10.03
N GLN A 26 -1.37 -4.20 -10.12
CA GLN A 26 -1.07 -5.63 -10.23
C GLN A 26 -2.35 -6.42 -10.45
N SER A 27 -3.44 -5.98 -9.82
CA SER A 27 -4.72 -6.66 -9.95
C SER A 27 -5.57 -6.02 -11.04
N GLN A 28 -4.91 -5.32 -11.95
CA GLN A 28 -5.60 -4.65 -13.05
C GLN A 28 -5.09 -5.14 -14.40
N TYR A 29 -5.87 -6.00 -15.04
CA TYR A 29 -5.49 -6.56 -16.34
C TYR A 29 -4.10 -7.18 -16.28
N GLY A 30 -3.83 -7.92 -15.21
CA GLY A 30 -2.54 -8.56 -15.05
C GLY A 30 -2.65 -10.06 -14.82
N CYS A 31 -3.88 -10.54 -14.73
CA CYS A 31 -4.13 -11.97 -14.52
C CYS A 31 -4.27 -12.70 -15.85
N PRO A 32 -3.98 -14.01 -15.84
CA PRO A 32 -4.08 -14.84 -17.04
C PRO A 32 -5.51 -15.07 -17.49
N ILE A 33 -6.41 -15.29 -16.52
CA ILE A 33 -7.81 -15.51 -16.82
C ILE A 33 -8.70 -14.69 -15.90
N ILE A 34 -8.96 -13.45 -16.29
CA ILE A 34 -9.79 -12.56 -15.50
C ILE A 34 -11.12 -12.28 -16.20
N SER A 35 -12.22 -12.41 -15.46
CA SER A 35 -13.55 -12.20 -16.02
C SER A 35 -14.05 -10.80 -15.66
N ASN A 36 -14.78 -10.18 -16.59
CA ASN A 36 -15.32 -8.85 -16.37
C ASN A 36 -16.09 -8.78 -15.05
N MET A 37 -16.67 -9.91 -14.66
CA MET A 37 -17.43 -9.99 -13.42
C MET A 37 -16.53 -9.85 -12.21
N CYS A 38 -15.40 -10.56 -12.23
CA CYS A 38 -14.44 -10.53 -11.14
C CYS A 38 -13.67 -9.21 -11.13
N GLU A 39 -13.24 -8.77 -12.31
CA GLU A 39 -12.49 -7.53 -12.44
C GLU A 39 -13.34 -6.34 -12.01
N ASP A 40 -14.59 -6.32 -12.43
CA ASP A 40 -15.50 -5.24 -12.08
C ASP A 40 -15.87 -5.31 -10.60
N HIS A 41 -16.17 -6.51 -10.12
CA HIS A 41 -16.55 -6.70 -8.72
C HIS A 41 -15.40 -6.34 -7.80
N CYS A 42 -14.20 -6.81 -8.15
CA CYS A 42 -13.01 -6.53 -7.34
C CYS A 42 -12.63 -5.06 -7.43
N ARG A 43 -12.80 -4.48 -8.61
CA ARG A 43 -12.47 -3.08 -8.83
C ARG A 43 -13.45 -2.16 -8.11
N ARG A 44 -14.69 -2.61 -7.98
CA ARG A 44 -15.73 -1.84 -7.31
C ARG A 44 -15.35 -1.58 -5.85
N LYS A 45 -14.59 -2.51 -5.28
CA LYS A 45 -14.17 -2.39 -3.88
C LYS A 45 -12.71 -1.95 -3.80
N LYS A 46 -12.09 -1.75 -4.96
CA LYS A 46 -10.70 -1.32 -5.01
C LYS A 46 -9.82 -2.19 -4.12
N MET A 47 -10.07 -3.50 -4.15
CA MET A 47 -9.30 -4.44 -3.34
C MET A 47 -8.30 -5.20 -4.21
N GLU A 48 -7.03 -5.15 -3.81
CA GLU A 48 -5.97 -5.83 -4.55
C GLU A 48 -5.51 -7.10 -3.81
N GLY A 49 -5.59 -8.23 -4.49
CA GLY A 49 -5.19 -9.49 -3.88
C GLY A 49 -4.19 -10.25 -4.74
N GLN A 50 -4.64 -11.34 -5.33
CA GLN A 50 -3.77 -12.15 -6.18
C GLN A 50 -4.53 -12.65 -7.41
N CYS A 51 -3.79 -12.89 -8.49
CA CYS A 51 -4.39 -13.36 -9.74
C CYS A 51 -4.37 -14.88 -9.81
N ASP A 52 -5.54 -15.49 -9.81
CA ASP A 52 -5.66 -16.94 -9.87
C ASP A 52 -6.15 -17.39 -11.24
N LEU A 53 -5.56 -18.46 -11.76
CA LEU A 53 -5.93 -18.98 -13.06
C LEU A 53 -7.44 -19.23 -13.14
N LEU A 54 -8.03 -19.56 -11.99
CA LEU A 54 -9.46 -19.83 -11.94
C LEU A 54 -10.26 -18.52 -11.92
N ASP A 55 -9.65 -17.47 -11.37
CA ASP A 55 -10.30 -16.17 -11.30
C ASP A 55 -9.45 -15.18 -10.50
N CYS A 56 -9.94 -13.96 -10.37
CA CYS A 56 -9.23 -12.92 -9.64
C CYS A 56 -9.50 -13.01 -8.14
N VAL A 57 -8.49 -12.71 -7.34
CA VAL A 57 -8.62 -12.76 -5.89
C VAL A 57 -8.43 -11.39 -5.27
N CYS A 58 -9.42 -10.94 -4.51
CA CYS A 58 -9.36 -9.63 -3.86
C CYS A 58 -8.79 -9.76 -2.45
N SER A 59 -7.90 -8.84 -2.10
CA SER A 59 -7.28 -8.84 -0.77
C SER A 59 -6.73 -7.46 -0.43
N ALA A 1 33.15 27.95 45.03
CA ALA A 1 33.20 26.73 44.23
C ALA A 1 32.41 26.89 42.93
N LYS A 2 32.67 27.98 42.23
CA LYS A 2 31.98 28.25 40.97
C LYS A 2 32.31 27.19 39.92
N LYS A 3 31.35 26.89 39.06
CA LYS A 3 31.54 25.90 38.01
C LYS A 3 31.10 26.44 36.66
N PRO A 4 31.89 27.37 36.10
CA PRO A 4 31.60 27.99 34.80
C PRO A 4 31.78 27.01 33.65
N PHE A 5 31.60 27.51 32.42
CA PHE A 5 31.74 26.67 31.24
C PHE A 5 30.72 25.55 31.24
N VAL A 6 29.60 25.76 30.55
CA VAL A 6 28.54 24.77 30.47
C VAL A 6 28.40 24.21 29.06
N GLN A 7 27.73 23.07 28.93
CA GLN A 7 27.52 22.45 27.63
C GLN A 7 26.36 21.46 27.68
N ARG A 8 25.72 21.25 26.54
CA ARG A 8 24.60 20.33 26.45
C ARG A 8 24.11 20.19 25.02
N VAL A 9 23.77 18.97 24.62
CA VAL A 9 23.29 18.70 23.27
C VAL A 9 21.98 17.92 23.29
N LYS A 10 21.01 18.37 22.51
CA LYS A 10 19.71 17.71 22.44
C LYS A 10 19.07 17.95 21.08
N ASN A 11 18.40 16.92 20.56
CA ASN A 11 17.73 17.00 19.27
C ASN A 11 16.38 16.28 19.30
N ALA A 12 15.85 15.98 18.12
CA ALA A 12 14.58 15.29 18.01
C ALA A 12 14.22 15.03 16.55
N ALA A 13 13.56 13.90 16.31
CA ALA A 13 13.15 13.54 14.95
C ALA A 13 12.13 12.41 14.97
N SER A 14 11.60 12.07 13.80
CA SER A 14 10.60 11.01 13.68
C SER A 14 10.60 10.42 12.27
N LYS A 15 10.29 9.14 12.18
CA LYS A 15 10.25 8.45 10.90
C LYS A 15 9.69 7.03 11.05
N ALA A 16 8.48 6.83 10.56
CA ALA A 16 7.84 5.53 10.64
C ALA A 16 6.55 5.49 9.83
N TYR A 17 6.66 5.09 8.56
CA TYR A 17 5.50 5.03 7.68
C TYR A 17 5.30 3.61 7.15
N ASN A 18 4.11 3.34 6.61
CA ASN A 18 3.80 2.03 6.07
C ASN A 18 2.48 2.06 5.30
N LYS A 19 2.45 1.38 4.16
CA LYS A 19 1.26 1.33 3.32
C LYS A 19 1.29 0.11 2.40
N LEU A 20 2.33 0.03 1.58
CA LEU A 20 2.49 -1.08 0.65
C LEU A 20 1.25 -1.21 -0.24
N LYS A 21 1.14 -0.32 -1.22
CA LYS A 21 0.01 -0.34 -2.15
C LYS A 21 0.44 0.14 -3.52
N GLY A 22 -0.18 -0.42 -4.56
CA GLY A 22 0.15 -0.03 -5.92
C GLY A 22 -0.25 -1.10 -6.94
N LEU A 23 -0.98 -0.68 -7.96
CA LEU A 23 -1.42 -1.60 -9.00
C LEU A 23 -0.27 -1.99 -9.91
N ALA A 24 -0.58 -2.79 -10.92
CA ALA A 24 0.44 -3.23 -11.88
C ALA A 24 -0.17 -3.54 -13.24
N MET A 25 -1.32 -2.91 -13.52
CA MET A 25 -2.00 -3.12 -14.79
C MET A 25 -2.20 -4.60 -15.08
N GLN A 26 -2.33 -5.39 -14.02
CA GLN A 26 -2.52 -6.83 -14.16
C GLN A 26 -3.95 -7.15 -14.59
N SER A 27 -4.91 -6.42 -14.01
CA SER A 27 -6.32 -6.64 -14.33
C SER A 27 -6.69 -5.96 -15.64
N GLN A 28 -6.53 -6.69 -16.74
CA GLN A 28 -6.85 -6.16 -18.06
C GLN A 28 -7.92 -7.00 -18.74
N TYR A 29 -8.94 -7.38 -17.97
CA TYR A 29 -10.03 -8.19 -18.50
C TYR A 29 -9.50 -9.43 -19.21
N GLY A 30 -8.48 -10.05 -18.62
CA GLY A 30 -7.90 -11.24 -19.20
C GLY A 30 -7.73 -12.36 -18.20
N CYS A 31 -8.82 -12.71 -17.51
CA CYS A 31 -8.80 -13.78 -16.52
C CYS A 31 -9.28 -15.09 -17.11
N PRO A 32 -8.82 -16.21 -16.54
CA PRO A 32 -9.21 -17.55 -16.99
C PRO A 32 -10.65 -17.88 -16.68
N ILE A 33 -11.05 -17.63 -15.43
CA ILE A 33 -12.42 -17.90 -15.00
C ILE A 33 -12.91 -16.84 -14.02
N ILE A 34 -13.31 -15.69 -14.54
CA ILE A 34 -13.80 -14.60 -13.73
C ILE A 34 -15.31 -14.41 -13.89
N SER A 35 -16.00 -14.20 -12.77
CA SER A 35 -17.45 -14.01 -12.80
C SER A 35 -17.80 -12.54 -13.01
N ASN A 36 -18.88 -12.29 -13.74
CA ASN A 36 -19.31 -10.92 -14.01
C ASN A 36 -19.47 -10.13 -12.72
N MET A 37 -19.77 -10.85 -11.63
CA MET A 37 -19.95 -10.21 -10.34
C MET A 37 -18.62 -9.70 -9.79
N CYS A 38 -17.58 -10.52 -9.90
CA CYS A 38 -16.26 -10.15 -9.42
C CYS A 38 -15.64 -9.06 -10.30
N GLU A 39 -15.75 -9.23 -11.62
CA GLU A 39 -15.22 -8.26 -12.56
C GLU A 39 -15.92 -6.91 -12.41
N ASP A 40 -17.24 -6.95 -12.30
CA ASP A 40 -18.03 -5.72 -12.16
C ASP A 40 -17.75 -5.06 -10.82
N HIS A 41 -17.69 -5.86 -9.76
CA HIS A 41 -17.43 -5.35 -8.42
C HIS A 41 -16.05 -4.72 -8.34
N CYS A 42 -15.05 -5.41 -8.90
CA CYS A 42 -13.68 -4.93 -8.89
C CYS A 42 -13.52 -3.74 -9.83
N ARG A 43 -14.26 -3.76 -10.93
CA ARG A 43 -14.18 -2.69 -11.92
C ARG A 43 -14.84 -1.42 -11.39
N ARG A 44 -15.93 -1.59 -10.65
CA ARG A 44 -16.65 -0.45 -10.08
C ARG A 44 -15.82 0.22 -8.99
N LYS A 45 -14.86 -0.52 -8.44
CA LYS A 45 -14.00 0.00 -7.39
C LYS A 45 -12.63 0.38 -7.94
N LYS A 46 -12.45 0.18 -9.24
CA LYS A 46 -11.18 0.50 -9.89
C LYS A 46 -10.01 -0.12 -9.14
N MET A 47 -10.23 -1.32 -8.60
CA MET A 47 -9.19 -2.02 -7.87
C MET A 47 -8.48 -3.04 -8.75
N GLU A 48 -7.15 -2.92 -8.82
CA GLU A 48 -6.36 -3.83 -9.64
C GLU A 48 -5.63 -4.85 -8.77
N GLY A 49 -5.55 -6.09 -9.25
CA GLY A 49 -4.87 -7.13 -8.50
C GLY A 49 -4.39 -8.26 -9.39
N GLN A 50 -4.93 -9.45 -9.18
CA GLN A 50 -4.56 -10.62 -9.97
C GLN A 50 -5.77 -11.48 -10.29
N CYS A 51 -5.71 -12.19 -11.41
CA CYS A 51 -6.80 -13.06 -11.83
C CYS A 51 -6.58 -14.49 -11.36
N ASP A 52 -7.48 -14.98 -10.52
CA ASP A 52 -7.38 -16.34 -10.00
C ASP A 52 -8.44 -17.25 -10.65
N LEU A 53 -8.03 -18.47 -10.96
CA LEU A 53 -8.93 -19.44 -11.59
C LEU A 53 -10.22 -19.58 -10.77
N LEU A 54 -10.11 -19.41 -9.46
CA LEU A 54 -11.27 -19.51 -8.58
C LEU A 54 -12.12 -18.24 -8.63
N ASP A 55 -11.46 -17.12 -8.90
CA ASP A 55 -12.15 -15.85 -8.98
C ASP A 55 -11.16 -14.70 -9.17
N CYS A 56 -11.68 -13.48 -9.28
CA CYS A 56 -10.84 -12.29 -9.46
C CYS A 56 -10.33 -11.79 -8.12
N VAL A 57 -9.09 -11.29 -8.12
CA VAL A 57 -8.49 -10.77 -6.90
C VAL A 57 -8.18 -9.28 -7.03
N CYS A 58 -8.80 -8.48 -6.16
CA CYS A 58 -8.59 -7.04 -6.18
C CYS A 58 -7.47 -6.64 -5.23
N SER A 59 -6.61 -5.73 -5.70
CA SER A 59 -5.49 -5.26 -4.89
C SER A 59 -5.33 -3.75 -4.99
N ALA A 1 1.59 16.22 30.49
CA ALA A 1 2.33 16.03 29.26
C ALA A 1 2.90 14.62 29.18
N LYS A 2 2.05 13.66 28.79
CA LYS A 2 2.46 12.27 28.67
C LYS A 2 2.14 11.72 27.29
N LYS A 3 3.02 11.99 26.33
CA LYS A 3 2.83 11.53 24.95
C LYS A 3 4.08 11.80 24.12
N PRO A 4 5.15 11.03 24.36
CA PRO A 4 6.41 11.17 23.64
C PRO A 4 6.29 10.71 22.18
N PHE A 5 7.39 10.82 21.45
CA PHE A 5 7.41 10.41 20.05
C PHE A 5 8.85 10.20 19.56
N VAL A 6 8.99 9.59 18.39
CA VAL A 6 10.30 9.33 17.83
C VAL A 6 10.19 8.85 16.38
N GLN A 7 10.94 9.50 15.49
CA GLN A 7 10.93 9.15 14.08
C GLN A 7 12.01 9.91 13.31
N ARG A 8 13.05 9.19 12.90
CA ARG A 8 14.14 9.81 12.16
C ARG A 8 14.95 8.76 11.40
N VAL A 9 14.95 8.86 10.08
CA VAL A 9 15.67 7.92 9.24
C VAL A 9 16.50 8.64 8.18
N LYS A 10 17.63 8.05 7.81
CA LYS A 10 18.50 8.64 6.80
C LYS A 10 19.69 7.72 6.51
N ASN A 11 19.76 7.23 5.27
CA ASN A 11 20.85 6.35 4.86
C ASN A 11 20.96 6.29 3.34
N ALA A 12 21.95 7.00 2.80
CA ALA A 12 22.16 7.02 1.37
C ALA A 12 23.39 7.85 1.01
N ALA A 13 23.85 7.73 -0.23
CA ALA A 13 25.01 8.48 -0.70
C ALA A 13 24.74 9.96 -0.71
N SER A 14 23.48 10.33 -0.94
CA SER A 14 23.10 11.74 -0.98
C SER A 14 21.63 11.91 -0.60
N LYS A 15 21.32 12.99 0.10
CA LYS A 15 19.95 13.27 0.53
C LYS A 15 19.37 14.45 -0.25
N ALA A 16 19.13 14.23 -1.54
CA ALA A 16 18.57 15.28 -2.40
C ALA A 16 17.48 14.71 -3.30
N TYR A 17 16.79 13.69 -2.82
CA TYR A 17 15.72 13.06 -3.59
C TYR A 17 14.84 12.19 -2.69
N ASN A 18 13.71 11.74 -3.23
CA ASN A 18 12.78 10.90 -2.48
C ASN A 18 12.00 9.99 -3.42
N LYS A 19 10.96 9.36 -2.89
CA LYS A 19 10.13 8.47 -3.68
C LYS A 19 8.94 7.95 -2.86
N LEU A 20 7.85 8.70 -2.88
CA LEU A 20 6.65 8.32 -2.14
C LEU A 20 5.72 7.48 -3.00
N LYS A 21 5.61 6.19 -2.69
CA LYS A 21 4.75 5.29 -3.43
C LYS A 21 4.72 3.90 -2.79
N GLY A 22 4.08 2.95 -3.45
CA GLY A 22 4.00 1.60 -2.93
C GLY A 22 3.79 0.57 -4.01
N LEU A 23 2.97 0.90 -4.99
CA LEU A 23 2.70 -0.02 -6.10
C LEU A 23 3.28 0.52 -7.41
N ALA A 24 3.28 -0.32 -8.43
CA ALA A 24 3.81 0.06 -9.73
C ALA A 24 2.75 -0.08 -10.82
N MET A 25 1.52 0.28 -10.49
CA MET A 25 0.41 0.19 -11.44
C MET A 25 0.22 -1.25 -11.92
N GLN A 26 -0.14 -2.14 -11.00
CA GLN A 26 -0.35 -3.54 -11.33
C GLN A 26 -1.65 -4.05 -10.73
N SER A 27 -1.86 -3.78 -9.45
CA SER A 27 -3.07 -4.21 -8.75
C SER A 27 -4.14 -3.13 -8.79
N GLN A 28 -4.32 -2.53 -9.97
CA GLN A 28 -5.31 -1.48 -10.13
C GLN A 28 -6.44 -1.94 -11.05
N TYR A 29 -7.53 -2.40 -10.45
CA TYR A 29 -8.68 -2.87 -11.22
C TYR A 29 -8.28 -4.00 -12.17
N GLY A 30 -7.30 -4.79 -11.74
CA GLY A 30 -6.84 -5.90 -12.57
C GLY A 30 -6.95 -7.24 -11.86
N CYS A 31 -8.09 -7.47 -11.22
CA CYS A 31 -8.32 -8.72 -10.49
C CYS A 31 -9.45 -9.52 -11.14
N PRO A 32 -9.41 -10.85 -10.93
CA PRO A 32 -10.43 -11.75 -11.49
C PRO A 32 -11.78 -11.58 -10.81
N ILE A 33 -11.80 -11.62 -9.49
CA ILE A 33 -13.03 -11.47 -8.72
C ILE A 33 -12.76 -10.85 -7.35
N ILE A 34 -12.80 -9.53 -7.29
CA ILE A 34 -12.57 -8.81 -6.04
C ILE A 34 -13.82 -8.07 -5.58
N SER A 35 -14.11 -8.17 -4.29
CA SER A 35 -15.28 -7.50 -3.72
C SER A 35 -15.00 -6.03 -3.45
N ASN A 36 -15.99 -5.19 -3.72
CA ASN A 36 -15.86 -3.76 -3.50
C ASN A 36 -15.33 -3.46 -2.11
N MET A 37 -15.74 -4.28 -1.14
CA MET A 37 -15.30 -4.10 0.25
C MET A 37 -13.81 -4.34 0.37
N CYS A 38 -13.33 -5.40 -0.26
CA CYS A 38 -11.91 -5.75 -0.21
C CYS A 38 -11.07 -4.67 -0.88
N GLU A 39 -11.46 -4.27 -2.09
CA GLU A 39 -10.74 -3.24 -2.83
C GLU A 39 -10.67 -1.95 -2.04
N ASP A 40 -11.80 -1.55 -1.46
CA ASP A 40 -11.86 -0.33 -0.66
C ASP A 40 -10.98 -0.44 0.58
N HIS A 41 -10.96 -1.62 1.18
CA HIS A 41 -10.15 -1.85 2.37
C HIS A 41 -8.67 -1.67 2.08
N CYS A 42 -8.21 -2.23 0.95
CA CYS A 42 -6.82 -2.13 0.56
C CYS A 42 -6.47 -0.70 0.16
N ARG A 43 -7.42 -0.01 -0.45
CA ARG A 43 -7.22 1.36 -0.88
C ARG A 43 -7.12 2.31 0.31
N ARG A 44 -7.89 2.01 1.35
CA ARG A 44 -7.90 2.83 2.55
C ARG A 44 -6.52 2.83 3.22
N LYS A 45 -5.85 1.68 3.17
CA LYS A 45 -4.53 1.55 3.77
C LYS A 45 -3.44 1.70 2.71
N LYS A 46 -3.85 1.96 1.47
CA LYS A 46 -2.92 2.14 0.37
C LYS A 46 -1.92 0.99 0.32
N MET A 47 -2.38 -0.21 0.66
CA MET A 47 -1.53 -1.39 0.65
C MET A 47 -1.76 -2.22 -0.61
N GLU A 48 -0.68 -2.50 -1.34
CA GLU A 48 -0.77 -3.29 -2.57
C GLU A 48 -0.24 -4.70 -2.34
N GLY A 49 -0.96 -5.68 -2.88
CA GLY A 49 -0.56 -7.07 -2.74
C GLY A 49 -0.78 -7.87 -3.99
N GLN A 50 -1.70 -8.83 -3.93
CA GLN A 50 -1.99 -9.68 -5.09
C GLN A 50 -3.49 -9.95 -5.18
N CYS A 51 -3.97 -10.20 -6.40
CA CYS A 51 -5.38 -10.47 -6.64
C CYS A 51 -5.65 -11.97 -6.62
N ASP A 52 -6.57 -12.38 -5.76
CA ASP A 52 -6.92 -13.80 -5.64
C ASP A 52 -8.38 -14.03 -6.06
N LEU A 53 -8.61 -15.11 -6.78
CA LEU A 53 -9.94 -15.45 -7.25
C LEU A 53 -10.93 -15.47 -6.09
N LEU A 54 -10.45 -15.83 -4.91
CA LEU A 54 -11.29 -15.89 -3.72
C LEU A 54 -11.52 -14.49 -3.14
N ASP A 55 -10.56 -13.61 -3.35
CA ASP A 55 -10.66 -12.24 -2.86
C ASP A 55 -9.37 -11.47 -3.11
N CYS A 56 -9.35 -10.20 -2.72
CA CYS A 56 -8.18 -9.35 -2.92
C CYS A 56 -7.22 -9.49 -1.74
N VAL A 57 -5.92 -9.42 -2.04
CA VAL A 57 -4.89 -9.53 -1.00
C VAL A 57 -4.06 -8.26 -0.91
N CYS A 58 -4.09 -7.63 0.25
CA CYS A 58 -3.33 -6.39 0.47
C CYS A 58 -1.98 -6.69 1.10
N SER A 59 -0.94 -6.03 0.61
CA SER A 59 0.42 -6.24 1.12
C SER A 59 1.21 -4.93 1.06
N ALA A 1 4.11 10.65 27.05
CA ALA A 1 4.18 9.24 27.42
C ALA A 1 4.44 8.37 26.19
N LYS A 2 3.47 8.35 25.28
CA LYS A 2 3.58 7.56 24.06
C LYS A 2 3.85 8.45 22.85
N LYS A 3 3.35 9.68 22.92
CA LYS A 3 3.54 10.63 21.83
C LYS A 3 3.00 10.09 20.52
N PRO A 4 1.66 10.04 20.40
CA PRO A 4 0.99 9.53 19.20
C PRO A 4 1.15 10.47 18.02
N PHE A 5 0.46 10.16 16.92
CA PHE A 5 0.52 10.97 15.72
C PHE A 5 1.93 10.96 15.13
N VAL A 6 2.15 10.09 14.15
CA VAL A 6 3.46 9.98 13.50
C VAL A 6 3.51 10.81 12.22
N GLN A 7 4.68 11.40 11.96
CA GLN A 7 4.86 12.22 10.76
C GLN A 7 5.41 11.39 9.61
N ARG A 8 5.59 12.03 8.46
CA ARG A 8 6.12 11.34 7.29
C ARG A 8 7.62 11.59 7.15
N VAL A 9 8.34 10.55 6.75
CA VAL A 9 9.79 10.64 6.57
C VAL A 9 10.19 10.29 5.15
N LYS A 10 9.21 9.88 4.34
CA LYS A 10 9.47 9.52 2.95
C LYS A 10 10.12 10.68 2.19
N ASN A 11 10.47 10.42 0.94
CA ASN A 11 11.10 11.45 0.12
C ASN A 11 12.45 11.87 0.69
N ALA A 12 13.06 10.97 1.44
CA ALA A 12 14.36 11.24 2.05
C ALA A 12 15.49 10.65 1.23
N ALA A 13 16.19 11.50 0.48
CA ALA A 13 17.30 11.05 -0.35
C ALA A 13 18.39 10.40 0.49
N SER A 14 18.68 9.14 0.20
CA SER A 14 19.70 8.39 0.93
C SER A 14 20.38 7.36 0.03
N LYS A 15 19.67 6.29 -0.28
CA LYS A 15 20.20 5.23 -1.13
C LYS A 15 21.51 4.68 -0.56
N ALA A 16 21.38 3.67 0.30
CA ALA A 16 22.55 3.05 0.92
C ALA A 16 22.43 1.53 0.89
N TYR A 17 21.64 0.99 1.81
CA TYR A 17 21.44 -0.46 1.89
C TYR A 17 20.13 -0.87 1.23
N ASN A 18 19.90 -0.37 0.02
CA ASN A 18 18.69 -0.69 -0.72
C ASN A 18 17.45 -0.27 0.07
N LYS A 19 16.93 0.91 -0.24
CA LYS A 19 15.73 1.43 0.43
C LYS A 19 14.82 2.14 -0.56
N LEU A 20 14.17 1.35 -1.42
CA LEU A 20 13.25 1.91 -2.41
C LEU A 20 11.97 1.09 -2.49
N LYS A 21 11.10 1.27 -1.51
CA LYS A 21 9.84 0.55 -1.46
C LYS A 21 8.66 1.50 -1.71
N GLY A 22 7.74 1.08 -2.58
CA GLY A 22 6.58 1.90 -2.88
C GLY A 22 5.65 1.25 -3.88
N LEU A 23 5.45 -0.06 -3.73
CA LEU A 23 4.58 -0.82 -4.62
C LEU A 23 5.01 -0.65 -6.08
N ALA A 24 4.21 -1.18 -6.99
CA ALA A 24 4.52 -1.09 -8.41
C ALA A 24 3.24 -0.86 -9.23
N MET A 25 2.36 -0.03 -8.72
CA MET A 25 1.10 0.28 -9.40
C MET A 25 0.37 -1.01 -9.79
N GLN A 26 0.41 -1.99 -8.89
CA GLN A 26 -0.25 -3.27 -9.14
C GLN A 26 -1.55 -3.38 -8.34
N SER A 27 -1.47 -3.01 -7.06
CA SER A 27 -2.63 -3.08 -6.19
C SER A 27 -3.12 -1.67 -5.82
N GLN A 28 -2.95 -0.74 -6.75
CA GLN A 28 -3.37 0.64 -6.52
C GLN A 28 -4.51 1.02 -7.47
N TYR A 29 -5.74 0.82 -7.00
CA TYR A 29 -6.92 1.14 -7.81
C TYR A 29 -6.89 0.38 -9.13
N GLY A 30 -6.40 -0.85 -9.09
CA GLY A 30 -6.34 -1.67 -10.29
C GLY A 30 -7.18 -2.92 -10.19
N CYS A 31 -8.34 -2.81 -9.56
CA CYS A 31 -9.24 -3.94 -9.38
C CYS A 31 -10.56 -3.71 -10.11
N PRO A 32 -11.23 -4.81 -10.47
CA PRO A 32 -12.52 -4.74 -11.18
C PRO A 32 -13.65 -4.22 -10.30
N ILE A 33 -13.77 -4.78 -9.10
CA ILE A 33 -14.80 -4.35 -8.16
C ILE A 33 -14.35 -4.56 -6.72
N ILE A 34 -13.73 -3.53 -6.14
CA ILE A 34 -13.25 -3.60 -4.77
C ILE A 34 -13.96 -2.58 -3.89
N SER A 35 -13.62 -2.58 -2.61
CA SER A 35 -14.23 -1.65 -1.65
C SER A 35 -13.24 -0.57 -1.24
N ASN A 36 -13.69 0.67 -1.22
CA ASN A 36 -12.84 1.80 -0.85
C ASN A 36 -12.15 1.52 0.49
N MET A 37 -12.81 0.76 1.34
CA MET A 37 -12.25 0.42 2.66
C MET A 37 -11.03 -0.47 2.51
N CYS A 38 -11.12 -1.46 1.63
CA CYS A 38 -10.02 -2.38 1.40
C CYS A 38 -8.87 -1.69 0.69
N GLU A 39 -9.19 -0.94 -0.36
CA GLU A 39 -8.18 -0.23 -1.13
C GLU A 39 -7.42 0.76 -0.25
N ASP A 40 -8.17 1.50 0.57
CA ASP A 40 -7.57 2.49 1.46
C ASP A 40 -6.76 1.80 2.55
N HIS A 41 -7.30 0.71 3.10
CA HIS A 41 -6.62 -0.03 4.16
C HIS A 41 -5.33 -0.66 3.65
N CYS A 42 -5.40 -1.25 2.46
CA CYS A 42 -4.24 -1.88 1.85
C CYS A 42 -3.21 -0.84 1.43
N ARG A 43 -3.68 0.31 0.96
CA ARG A 43 -2.80 1.39 0.53
C ARG A 43 -2.11 2.03 1.73
N ARG A 44 -2.81 2.10 2.85
CA ARG A 44 -2.27 2.70 4.06
C ARG A 44 -1.04 1.92 4.55
N LYS A 45 -0.96 0.65 4.17
CA LYS A 45 0.15 -0.20 4.56
C LYS A 45 1.12 -0.39 3.40
N LYS A 46 0.82 0.24 2.28
CA LYS A 46 1.67 0.14 1.09
C LYS A 46 1.96 -1.32 0.76
N MET A 47 0.99 -2.19 1.01
CA MET A 47 1.14 -3.61 0.72
C MET A 47 0.50 -3.98 -0.61
N GLU A 48 1.25 -4.65 -1.47
CA GLU A 48 0.75 -5.06 -2.78
C GLU A 48 0.46 -6.56 -2.81
N GLY A 49 -0.61 -6.93 -3.49
CA GLY A 49 -0.97 -8.34 -3.59
C GLY A 49 -1.71 -8.66 -4.87
N GLN A 50 -2.98 -9.00 -4.76
CA GLN A 50 -3.80 -9.34 -5.92
C GLN A 50 -5.22 -8.79 -5.76
N CYS A 51 -5.77 -8.29 -6.86
CA CYS A 51 -7.12 -7.74 -6.86
C CYS A 51 -8.16 -8.82 -7.11
N ASP A 52 -8.95 -9.13 -6.09
CA ASP A 52 -9.98 -10.14 -6.20
C ASP A 52 -11.36 -9.51 -6.36
N LEU A 53 -12.18 -10.12 -7.21
CA LEU A 53 -13.52 -9.61 -7.47
C LEU A 53 -14.29 -9.42 -6.16
N LEU A 54 -14.00 -10.26 -5.18
CA LEU A 54 -14.66 -10.19 -3.88
C LEU A 54 -14.08 -9.06 -3.04
N ASP A 55 -12.81 -8.76 -3.27
CA ASP A 55 -12.13 -7.70 -2.53
C ASP A 55 -10.64 -7.65 -2.89
N CYS A 56 -9.94 -6.67 -2.33
CA CYS A 56 -8.51 -6.51 -2.60
C CYS A 56 -7.68 -7.39 -1.67
N VAL A 57 -6.58 -7.92 -2.21
CA VAL A 57 -5.70 -8.77 -1.42
C VAL A 57 -4.31 -8.17 -1.30
N CYS A 58 -3.81 -8.10 -0.06
CA CYS A 58 -2.49 -7.53 0.19
C CYS A 58 -1.45 -8.64 0.41
N SER A 59 -0.28 -8.47 -0.18
CA SER A 59 0.79 -9.46 -0.06
C SER A 59 2.15 -8.78 -0.02
N ALA A 1 33.85 27.26 16.97
CA ALA A 1 33.53 27.32 18.39
C ALA A 1 34.79 27.21 19.25
N LYS A 2 34.86 28.02 20.30
CA LYS A 2 36.02 28.03 21.18
C LYS A 2 35.60 27.66 22.60
N LYS A 3 34.43 28.12 23.01
CA LYS A 3 33.92 27.84 24.36
C LYS A 3 32.51 27.26 24.28
N PRO A 4 32.42 26.00 23.84
CA PRO A 4 31.13 25.30 23.72
C PRO A 4 30.52 24.98 25.08
N PHE A 5 29.41 24.23 25.06
CA PHE A 5 28.72 23.85 26.30
C PHE A 5 28.05 22.50 26.14
N VAL A 6 28.22 21.65 27.15
CA VAL A 6 27.62 20.31 27.12
C VAL A 6 26.11 20.39 27.38
N GLN A 7 25.36 19.65 26.57
CA GLN A 7 23.90 19.63 26.70
C GLN A 7 23.39 18.20 26.78
N ARG A 8 22.07 18.06 26.92
CA ARG A 8 21.45 16.74 27.00
C ARG A 8 19.97 16.81 26.63
N VAL A 9 19.67 17.50 25.53
CA VAL A 9 18.30 17.64 25.07
C VAL A 9 17.78 16.34 24.45
N LYS A 10 16.62 15.91 24.91
CA LYS A 10 16.01 14.69 24.41
C LYS A 10 14.98 14.98 23.33
N ASN A 11 14.40 13.93 22.74
CA ASN A 11 13.40 14.08 21.71
C ASN A 11 12.66 12.77 21.45
N ALA A 12 11.41 12.70 21.89
CA ALA A 12 10.61 11.51 21.71
C ALA A 12 9.19 11.86 21.28
N ALA A 13 8.82 11.44 20.08
CA ALA A 13 7.49 11.70 19.54
C ALA A 13 6.61 10.46 19.59
N SER A 14 7.22 9.31 19.31
CA SER A 14 6.48 8.05 19.32
C SER A 14 5.34 8.07 18.30
N LYS A 15 4.61 6.97 18.23
CA LYS A 15 3.49 6.86 17.30
C LYS A 15 3.94 7.04 15.85
N ALA A 16 4.19 5.94 15.18
CA ALA A 16 4.64 5.98 13.78
C ALA A 16 4.69 4.58 13.18
N TYR A 17 3.55 4.11 12.69
CA TYR A 17 3.47 2.78 12.09
C TYR A 17 2.51 2.78 10.90
N ASN A 18 2.70 1.83 9.99
CA ASN A 18 1.86 1.71 8.82
C ASN A 18 1.60 0.25 8.47
N LYS A 19 0.43 -0.25 8.84
CA LYS A 19 0.06 -1.64 8.57
C LYS A 19 -0.01 -1.89 7.07
N LEU A 20 -0.87 -1.14 6.38
CA LEU A 20 -1.03 -1.28 4.94
C LEU A 20 -1.36 -2.73 4.57
N LYS A 21 -2.65 -3.05 4.57
CA LYS A 21 -3.11 -4.39 4.23
C LYS A 21 -4.32 -4.34 3.31
N GLY A 22 -4.11 -4.69 2.05
CA GLY A 22 -5.20 -4.68 1.08
C GLY A 22 -4.71 -4.73 -0.34
N LEU A 23 -3.75 -3.87 -0.67
CA LEU A 23 -3.20 -3.81 -2.02
C LEU A 23 -1.81 -4.44 -2.06
N ALA A 24 -1.61 -5.35 -3.01
CA ALA A 24 -0.33 -6.01 -3.16
C ALA A 24 0.33 -5.65 -4.49
N MET A 25 -0.02 -4.48 -5.01
CA MET A 25 0.54 -4.01 -6.28
C MET A 25 0.39 -5.08 -7.37
N GLN A 26 -0.77 -5.73 -7.39
CA GLN A 26 -1.03 -6.77 -8.38
C GLN A 26 -1.97 -6.26 -9.47
N SER A 27 -3.15 -5.83 -9.07
CA SER A 27 -4.14 -5.32 -10.01
C SER A 27 -3.79 -3.90 -10.45
N GLN A 28 -2.69 -3.77 -11.20
CA GLN A 28 -2.24 -2.47 -11.68
C GLN A 28 -2.18 -2.45 -13.20
N TYR A 29 -3.30 -2.80 -13.84
CA TYR A 29 -3.36 -2.81 -15.29
C TYR A 29 -2.30 -3.74 -15.88
N GLY A 30 -2.13 -4.91 -15.26
CA GLY A 30 -1.15 -5.86 -15.73
C GLY A 30 -1.56 -7.30 -15.48
N CYS A 31 -2.67 -7.71 -16.08
CA CYS A 31 -3.17 -9.07 -15.92
C CYS A 31 -3.08 -9.84 -17.23
N PRO A 32 -3.01 -11.18 -17.12
CA PRO A 32 -2.93 -12.06 -18.29
C PRO A 32 -4.23 -12.09 -19.09
N ILE A 33 -5.33 -12.35 -18.40
CA ILE A 33 -6.64 -12.41 -19.04
C ILE A 33 -7.74 -12.01 -18.07
N ILE A 34 -8.06 -10.71 -18.04
CA ILE A 34 -9.10 -10.20 -17.16
C ILE A 34 -10.27 -9.63 -17.96
N SER A 35 -11.49 -9.93 -17.52
CA SER A 35 -12.68 -9.45 -18.21
C SER A 35 -13.00 -8.02 -17.78
N ASN A 36 -13.27 -7.16 -18.76
CA ASN A 36 -13.59 -5.76 -18.49
C ASN A 36 -14.70 -5.65 -17.45
N MET A 37 -15.59 -6.65 -17.43
CA MET A 37 -16.70 -6.66 -16.48
C MET A 37 -16.18 -6.78 -15.05
N CYS A 38 -15.23 -7.69 -14.84
CA CYS A 38 -14.66 -7.92 -13.52
C CYS A 38 -13.74 -6.76 -13.13
N GLU A 39 -13.14 -6.12 -14.13
CA GLU A 39 -12.24 -5.01 -13.89
C GLU A 39 -13.01 -3.78 -13.38
N ASP A 40 -14.13 -3.49 -14.01
CA ASP A 40 -14.96 -2.35 -13.63
C ASP A 40 -15.64 -2.61 -12.29
N HIS A 41 -16.20 -3.81 -12.14
CA HIS A 41 -16.89 -4.19 -10.91
C HIS A 41 -15.92 -4.20 -9.73
N CYS A 42 -14.70 -4.67 -9.97
CA CYS A 42 -13.69 -4.74 -8.93
C CYS A 42 -13.20 -3.34 -8.55
N ARG A 43 -12.99 -2.50 -9.56
CA ARG A 43 -12.53 -1.13 -9.33
C ARG A 43 -13.60 -0.31 -8.62
N ARG A 44 -14.86 -0.65 -8.85
CA ARG A 44 -15.98 0.05 -8.23
C ARG A 44 -15.92 -0.06 -6.71
N LYS A 45 -15.48 -1.22 -6.22
CA LYS A 45 -15.38 -1.46 -4.79
C LYS A 45 -13.99 -1.09 -4.28
N LYS A 46 -13.14 -0.61 -5.18
CA LYS A 46 -11.78 -0.21 -4.82
C LYS A 46 -11.08 -1.32 -4.04
N MET A 47 -11.16 -2.54 -4.56
CA MET A 47 -10.54 -3.69 -3.92
C MET A 47 -9.39 -4.22 -4.78
N GLU A 48 -8.20 -4.32 -4.17
CA GLU A 48 -7.03 -4.83 -4.87
C GLU A 48 -6.69 -6.24 -4.43
N GLY A 49 -6.54 -7.14 -5.41
CA GLY A 49 -6.23 -8.52 -5.10
C GLY A 49 -5.11 -9.06 -5.96
N GLN A 50 -5.44 -10.03 -6.81
CA GLN A 50 -4.45 -10.64 -7.69
C GLN A 50 -5.06 -10.93 -9.06
N CYS A 51 -4.22 -10.93 -10.09
CA CYS A 51 -4.67 -11.20 -11.44
C CYS A 51 -4.61 -12.69 -11.77
N ASP A 52 -5.74 -13.25 -12.17
CA ASP A 52 -5.82 -14.66 -12.50
C ASP A 52 -6.18 -14.86 -13.97
N LEU A 53 -5.56 -15.84 -14.61
CA LEU A 53 -5.81 -16.13 -16.02
C LEU A 53 -7.30 -16.33 -16.27
N LEU A 54 -8.00 -16.85 -15.27
CA LEU A 54 -9.44 -17.08 -15.38
C LEU A 54 -10.22 -15.79 -15.19
N ASP A 55 -9.66 -14.87 -14.41
CA ASP A 55 -10.29 -13.58 -14.16
C ASP A 55 -9.52 -12.79 -13.11
N CYS A 56 -10.02 -11.61 -12.78
CA CYS A 56 -9.38 -10.75 -11.80
C CYS A 56 -9.91 -11.03 -10.39
N VAL A 57 -8.99 -11.10 -9.43
CA VAL A 57 -9.36 -11.37 -8.04
C VAL A 57 -9.19 -10.12 -7.18
N CYS A 58 -10.22 -9.81 -6.40
CA CYS A 58 -10.19 -8.65 -5.52
C CYS A 58 -9.95 -9.06 -4.07
N SER A 59 -9.09 -8.32 -3.39
CA SER A 59 -8.77 -8.60 -2.00
C SER A 59 -8.51 -7.32 -1.22
#